data_8ORC
#
_entry.id   8ORC
#
_cell.length_a   79.606
_cell.length_b   112.113
_cell.length_c   226.605
_cell.angle_alpha   90.000
_cell.angle_beta   90.000
_cell.angle_gamma   90.000
#
_symmetry.space_group_name_H-M   'P 21 21 21'
#
loop_
_entity.id
_entity.type
_entity.pdbx_description
1 polymer Acetylcholinesterase
2 non-polymer 1-[2-(dimethylamino)ethyl]-3-(2-methoxyphenyl)thiourea
3 non-polymer 2-(2-METHOXYETHOXY)ETHANOL
4 non-polymer 2-METHOXYETHANOL
5 non-polymer 2-[2-(2-METHOXY-ETHOXY)-ETHOXY]-ETHOXYL
6 non-polymer 2,5,8,11,14,17,20,23-OCTAOXAPENTACOSAN-25-OL
7 water water
#
_entity_poly.entity_id   1
_entity_poly.type   'polypeptide(L)'
_entity_poly.pdbx_seq_one_letter_code
;EGREDPQLLVRVRGGQLRGIRLKAPGGPVSAFLGIPFAEPPVGSRRFMPPEPKRPWSGVLDATTFQNVCYQYVDTLYPGF
EGTEMWNPNRELSEDCLYLNVWTPYPRPASPTPVLIWIYGGGFYSGAASLDVYDGRFLAQVEGAVLVSMNYRVGTFGFLA
LPGSREAPGNVGLLDQRLALQWVQENIAAFGGDPMSVTLFGESAGAASVGMHILSLPSRSLFHRAVLQSGTPNGPWATVS
AGEARRRATLLARLVGCPPGGAGGNDTELIACLRTRPAQDLVDHEWHVLPQESIFRFSFVPVVDGDFLSDTPEALINTGD
FQDLQVLVGVVKDEGSYFLVYGVPGFSKDNESLISRAQFLAGVRIGVPQASDLAAEAVVLHYTDWLHPEDPTHLRDAMSA
VVGDHNVVCPVAQLAGRLAAQGARVYAYIFEHRASTLTWPLWMGVPHGYEIEFIFGLPLDPSLNYTTEERIFAQRLMKYW
TNFARTGDPNDPRDSKSPQWPPYTTAAQQYVSLNLKPLEVRRGLRAQTCAFWNRFLPKLLSAT
;
_entity_poly.pdbx_strand_id   A,B
#
loop_
_chem_comp.id
_chem_comp.type
_chem_comp.name
_chem_comp.formula
7PG non-polymer 2,5,8,11,14,17,20,23-OCTAOXAPENTACOSAN-25-OL 'C17 H36 O9'
MXE non-polymer 2-METHOXYETHANOL 'C3 H8 O2'
PG0 non-polymer 2-(2-METHOXYETHOXY)ETHANOL 'C5 H12 O3'
TOE non-polymer 2-[2-(2-METHOXY-ETHOXY)-ETHOXY]-ETHOXYL 'C7 H16 O4'
VY8 non-polymer 1-[2-(dimethylamino)ethyl]-3-(2-methoxyphenyl)thiourea 'C12 H19 N3 O S'
#
# COMPACT_ATOMS: atom_id res chain seq x y z
N GLU A 1 23.72 47.09 -41.71
CA GLU A 1 23.52 48.09 -42.77
C GLU A 1 24.91 48.69 -43.02
N GLY A 2 25.71 48.04 -43.88
CA GLY A 2 27.08 48.43 -44.16
C GLY A 2 27.99 47.23 -44.11
N ARG A 3 28.38 46.72 -42.94
CA ARG A 3 29.27 45.52 -42.89
C ARG A 3 28.81 44.59 -41.76
N GLU A 4 27.69 43.87 -41.89
CA GLU A 4 26.98 43.15 -40.85
C GLU A 4 26.46 41.77 -41.24
N ASP A 5 26.95 41.21 -42.35
CA ASP A 5 26.74 39.83 -42.85
C ASP A 5 25.96 39.87 -44.17
N PRO A 6 24.66 40.24 -44.20
CA PRO A 6 23.71 40.55 -43.13
C PRO A 6 22.74 39.42 -42.84
N GLN A 7 23.23 38.20 -42.61
N GLN A 7 23.12 38.16 -42.71
CA GLN A 7 22.39 37.12 -42.10
CA GLN A 7 22.24 37.10 -42.17
C GLN A 7 21.94 37.33 -40.66
C GLN A 7 21.87 37.36 -40.69
N LEU A 8 22.35 38.43 -40.01
CA LEU A 8 22.02 38.67 -38.61
C LEU A 8 21.09 39.87 -38.42
N LEU A 9 20.59 40.46 -39.50
CA LEU A 9 19.68 41.59 -39.43
C LEU A 9 18.26 41.12 -39.74
N VAL A 10 17.34 41.41 -38.81
CA VAL A 10 15.96 40.94 -38.90
C VAL A 10 15.05 42.04 -38.38
N ARG A 11 13.86 42.13 -38.98
CA ARG A 11 12.83 43.06 -38.51
C ARG A 11 11.69 42.27 -37.89
N VAL A 12 11.23 42.74 -36.74
CA VAL A 12 10.03 42.20 -36.10
C VAL A 12 9.03 43.34 -35.95
N ARG A 13 7.83 43.01 -35.44
CA ARG A 13 6.77 44.01 -35.34
C ARG A 13 7.24 45.27 -34.62
N GLY A 14 8.18 45.13 -33.69
CA GLY A 14 8.63 46.27 -32.90
C GLY A 14 9.74 47.07 -33.56
N GLY A 15 10.47 46.48 -34.48
CA GLY A 15 11.54 47.16 -35.16
C GLY A 15 12.62 46.19 -35.59
N GLN A 16 13.77 46.76 -35.94
CA GLN A 16 14.90 46.01 -36.47
C GLN A 16 15.77 45.46 -35.34
N LEU A 17 16.33 44.28 -35.57
CA LEU A 17 17.19 43.61 -34.61
C LEU A 17 18.52 43.25 -35.27
N ARG A 18 19.56 43.24 -34.46
CA ARG A 18 20.88 42.73 -34.86
C ARG A 18 21.25 41.57 -33.93
N GLY A 19 21.30 40.36 -34.49
CA GLY A 19 21.70 39.19 -33.73
C GLY A 19 23.20 38.96 -33.77
N ILE A 20 23.59 37.77 -33.32
CA ILE A 20 24.99 37.40 -33.21
C ILE A 20 25.19 36.00 -33.77
N ARG A 21 26.34 35.79 -34.40
CA ARG A 21 26.73 34.48 -34.91
C ARG A 21 27.47 33.74 -33.81
N LEU A 22 26.90 32.66 -33.32
CA LEU A 22 27.51 31.87 -32.25
C LEU A 22 28.17 30.63 -32.83
N LYS A 23 29.17 30.13 -32.10
CA LYS A 23 29.87 28.91 -32.47
C LYS A 23 29.29 27.74 -31.68
N ALA A 24 28.75 26.76 -32.40
CA ALA A 24 28.37 25.47 -31.84
C ALA A 24 29.32 24.40 -32.34
N PRO A 25 29.42 23.26 -31.65
CA PRO A 25 30.45 22.28 -32.01
C PRO A 25 30.44 21.89 -33.48
N GLY A 26 29.26 21.77 -34.09
CA GLY A 26 29.17 21.34 -35.47
C GLY A 26 29.08 22.44 -36.50
N GLY A 27 29.05 23.71 -36.08
CA GLY A 27 28.91 24.81 -36.99
C GLY A 27 28.29 26.02 -36.34
N PRO A 28 28.07 27.08 -37.11
CA PRO A 28 27.51 28.31 -36.54
C PRO A 28 26.00 28.26 -36.39
N VAL A 29 25.50 29.13 -35.52
CA VAL A 29 24.07 29.34 -35.34
C VAL A 29 23.83 30.83 -35.17
N SER A 30 22.59 31.25 -35.42
CA SER A 30 22.16 32.62 -35.21
C SER A 30 21.44 32.73 -33.87
N ALA A 31 21.81 33.74 -33.08
CA ALA A 31 21.17 34.00 -31.80
C ALA A 31 20.69 35.44 -31.76
N PHE A 32 19.44 35.62 -31.38
CA PHE A 32 18.84 36.94 -31.17
C PHE A 32 18.41 37.01 -29.71
N LEU A 33 19.26 37.59 -28.88
CA LEU A 33 19.10 37.53 -27.43
C LEU A 33 18.65 38.88 -26.89
N GLY A 34 17.80 38.84 -25.88
CA GLY A 34 17.35 40.06 -25.22
C GLY A 34 16.36 40.88 -26.02
N ILE A 35 15.47 40.22 -26.77
CA ILE A 35 14.42 40.90 -27.52
C ILE A 35 13.31 41.30 -26.55
N PRO A 36 13.00 42.58 -26.39
CA PRO A 36 11.87 42.95 -25.53
C PRO A 36 10.55 42.58 -26.17
N PHE A 37 9.68 41.94 -25.39
CA PHE A 37 8.34 41.62 -25.87
C PHE A 37 7.24 42.29 -25.06
N ALA A 38 7.59 43.10 -24.07
CA ALA A 38 6.62 43.79 -23.23
C ALA A 38 7.21 45.09 -22.74
N GLU A 39 6.33 46.02 -22.39
CA GLU A 39 6.78 47.22 -21.70
C GLU A 39 7.33 46.84 -20.33
N PRO A 40 8.40 47.48 -19.86
CA PRO A 40 8.97 47.13 -18.55
C PRO A 40 7.92 47.18 -17.46
N PRO A 41 7.65 46.06 -16.78
CA PRO A 41 6.61 46.04 -15.72
C PRO A 41 7.11 46.65 -14.42
N VAL A 42 7.34 47.96 -14.42
CA VAL A 42 7.97 48.65 -13.32
C VAL A 42 7.07 49.75 -12.80
N GLY A 43 7.37 50.23 -11.61
CA GLY A 43 6.64 51.34 -11.03
C GLY A 43 5.17 51.02 -10.88
N SER A 44 4.31 51.85 -11.48
CA SER A 44 2.88 51.64 -11.40
C SER A 44 2.42 50.37 -12.10
N ARG A 45 3.28 49.71 -12.86
CA ARG A 45 2.94 48.48 -13.56
C ARG A 45 3.35 47.23 -12.79
N ARG A 46 3.92 47.37 -11.60
CA ARG A 46 4.19 46.19 -10.78
C ARG A 46 2.87 45.51 -10.42
N PHE A 47 2.86 44.18 -10.53
CA PHE A 47 1.71 43.32 -10.26
C PHE A 47 0.68 43.39 -11.37
N MET A 48 0.89 44.19 -12.44
CA MET A 48 -0.11 44.37 -13.48
C MET A 48 0.17 43.44 -14.67
N PRO A 49 -0.87 43.06 -15.41
CA PRO A 49 -0.64 42.27 -16.61
C PRO A 49 0.30 43.01 -17.55
N PRO A 50 1.05 42.28 -18.36
CA PRO A 50 2.04 42.92 -19.23
C PRO A 50 1.37 43.65 -20.39
N GLU A 51 2.03 44.72 -20.84
CA GLU A 51 1.61 45.45 -22.02
C GLU A 51 2.58 45.18 -23.15
N PRO A 52 2.10 45.02 -24.40
CA PRO A 52 3.03 44.70 -25.50
C PRO A 52 4.09 45.77 -25.66
N LYS A 53 5.27 45.34 -26.08
CA LYS A 53 6.37 46.27 -26.30
C LYS A 53 6.02 47.26 -27.39
N ARG A 54 6.15 48.54 -27.08
CA ARG A 54 5.92 49.57 -28.07
C ARG A 54 7.12 49.66 -29.01
N PRO A 55 6.91 49.92 -30.30
CA PRO A 55 8.03 49.92 -31.25
C PRO A 55 9.16 50.84 -30.82
N TRP A 56 10.38 50.42 -31.14
CA TRP A 56 11.59 51.21 -30.93
C TRP A 56 12.11 51.72 -32.27
N SER A 57 13.04 52.68 -32.20
CA SER A 57 13.65 53.27 -33.37
C SER A 57 15.10 52.79 -33.50
N GLY A 58 15.56 52.68 -34.75
CA GLY A 58 16.89 52.18 -35.01
C GLY A 58 16.97 50.67 -34.86
N VAL A 59 18.21 50.18 -34.88
CA VAL A 59 18.51 48.75 -34.80
C VAL A 59 18.79 48.41 -33.34
N LEU A 60 17.94 47.58 -32.76
CA LEU A 60 18.14 47.12 -31.39
C LEU A 60 19.19 46.02 -31.37
N ASP A 61 20.18 46.15 -30.48
CA ASP A 61 21.23 45.16 -30.36
C ASP A 61 20.69 43.95 -29.59
N ALA A 62 20.60 42.81 -30.27
CA ALA A 62 20.13 41.58 -29.65
C ALA A 62 21.26 40.56 -29.59
N THR A 63 22.40 40.95 -29.03
CA THR A 63 23.60 40.12 -29.02
C THR A 63 23.96 39.60 -27.63
N THR A 64 23.21 39.97 -26.60
CA THR A 64 23.50 39.51 -25.24
C THR A 64 22.19 39.33 -24.48
N PHE A 65 22.23 38.41 -23.51
CA PHE A 65 21.07 38.20 -22.64
C PHE A 65 20.74 39.47 -21.87
N GLN A 66 19.46 39.65 -21.61
CA GLN A 66 18.99 40.81 -20.84
C GLN A 66 18.88 40.43 -19.36
N ASN A 67 18.37 41.37 -18.56
CA ASN A 67 18.30 41.19 -17.12
C ASN A 67 17.46 39.97 -16.75
N VAL A 68 17.73 39.43 -15.58
CA VAL A 68 16.93 38.36 -14.99
C VAL A 68 15.87 39.01 -14.09
N CYS A 69 14.68 38.42 -14.07
CA CYS A 69 13.61 38.96 -13.24
C CYS A 69 14.01 38.88 -11.77
N TYR A 70 13.67 39.92 -11.01
CA TYR A 70 14.07 39.99 -9.62
C TYR A 70 13.58 38.76 -8.86
N GLN A 71 14.48 38.16 -8.08
CA GLN A 71 14.16 36.89 -7.44
C GLN A 71 15.11 36.63 -6.28
N TYR A 72 14.68 35.71 -5.42
CA TYR A 72 15.53 35.23 -4.33
C TYR A 72 16.70 34.43 -4.89
N VAL A 73 17.90 34.68 -4.36
CA VAL A 73 19.11 34.01 -4.81
C VAL A 73 19.46 32.92 -3.80
N ASP A 74 19.72 31.72 -4.30
CA ASP A 74 20.01 30.57 -3.46
C ASP A 74 21.39 30.71 -2.83
N THR A 75 21.46 30.52 -1.51
CA THR A 75 22.73 30.57 -0.79
C THR A 75 22.83 29.42 0.22
N LEU A 76 22.19 28.28 -0.08
CA LEU A 76 22.33 27.13 0.79
C LEU A 76 23.76 26.62 0.80
N TYR A 77 24.35 26.45 -0.39
CA TYR A 77 25.73 25.97 -0.55
C TYR A 77 26.49 27.01 -1.37
N PRO A 78 26.91 28.10 -0.74
CA PRO A 78 27.59 29.18 -1.49
C PRO A 78 28.78 28.67 -2.28
N GLY A 79 28.82 29.02 -3.56
CA GLY A 79 29.92 28.66 -4.43
C GLY A 79 29.86 27.24 -4.96
N PHE A 80 28.89 26.45 -4.53
CA PHE A 80 28.76 25.07 -5.00
C PHE A 80 28.13 25.05 -6.39
N GLU A 81 28.77 24.33 -7.31
CA GLU A 81 28.29 24.31 -8.69
C GLU A 81 26.87 23.77 -8.78
N GLY A 82 26.56 22.74 -7.99
CA GLY A 82 25.26 22.10 -8.09
C GLY A 82 24.09 23.05 -7.88
N THR A 83 24.30 24.09 -7.06
CA THR A 83 23.27 25.10 -6.82
C THR A 83 23.49 26.35 -7.65
N GLU A 84 24.74 26.77 -7.86
CA GLU A 84 25.00 28.02 -8.57
C GLU A 84 24.53 27.96 -10.01
N MET A 85 24.55 26.78 -10.63
CA MET A 85 24.13 26.66 -12.03
C MET A 85 22.70 27.11 -12.25
N TRP A 86 21.88 27.15 -11.20
CA TRP A 86 20.50 27.60 -11.31
C TRP A 86 20.31 29.06 -10.94
N ASN A 87 21.33 29.72 -10.41
CA ASN A 87 21.17 31.07 -9.92
C ASN A 87 21.28 32.08 -11.06
N PRO A 88 20.79 33.30 -10.85
CA PRO A 88 20.84 34.31 -11.91
C PRO A 88 22.27 34.53 -12.40
N ASN A 89 22.40 34.69 -13.73
CA ASN A 89 23.69 34.98 -14.34
C ASN A 89 23.70 36.31 -15.06
N ARG A 90 22.70 37.15 -14.87
CA ARG A 90 22.66 38.54 -15.39
C ARG A 90 22.01 39.37 -14.29
N GLU A 91 22.07 40.67 -14.42
CA GLU A 91 21.58 41.60 -13.41
C GLU A 91 20.13 41.34 -13.06
N LEU A 92 19.81 41.42 -11.77
CA LEU A 92 18.43 41.31 -11.32
C LEU A 92 17.72 42.64 -11.52
N SER A 93 16.54 42.60 -12.13
CA SER A 93 15.78 43.82 -12.36
C SER A 93 14.32 43.46 -12.56
N GLU A 94 13.45 44.42 -12.23
CA GLU A 94 12.05 44.31 -12.62
C GLU A 94 11.86 44.54 -14.11
N ASP A 95 12.81 45.21 -14.76
CA ASP A 95 12.87 45.36 -16.22
C ASP A 95 13.52 44.10 -16.78
N CYS A 96 12.70 43.08 -17.04
CA CYS A 96 13.21 41.75 -17.33
C CYS A 96 12.44 40.99 -18.40
N LEU A 97 11.40 41.59 -19.01
CA LEU A 97 10.56 40.85 -19.95
C LEU A 97 11.20 40.92 -21.34
N TYR A 98 12.15 39.99 -21.56
CA TYR A 98 12.83 39.83 -22.83
C TYR A 98 12.84 38.34 -23.17
N LEU A 99 12.96 38.05 -24.48
CA LEU A 99 13.02 36.67 -24.96
C LEU A 99 14.20 36.51 -25.90
N ASN A 100 14.51 35.25 -26.20
CA ASN A 100 15.69 34.88 -26.97
C ASN A 100 15.29 33.89 -28.06
N VAL A 101 15.99 33.97 -29.19
CA VAL A 101 15.73 33.13 -30.35
C VAL A 101 17.04 32.55 -30.85
N TRP A 102 17.09 31.24 -31.01
CA TRP A 102 18.18 30.55 -31.68
C TRP A 102 17.66 29.95 -32.98
N THR A 103 18.40 30.13 -34.08
CA THR A 103 18.05 29.49 -35.33
C THR A 103 19.32 28.98 -36.01
N PRO A 104 19.19 28.12 -37.02
CA PRO A 104 20.36 27.76 -37.83
C PRO A 104 21.00 29.00 -38.45
N TYR A 105 22.26 28.84 -38.86
CA TYR A 105 22.99 29.87 -39.58
C TYR A 105 23.52 29.27 -40.87
N PRO A 106 23.10 29.77 -42.04
CA PRO A 106 22.11 30.83 -42.27
C PRO A 106 20.71 30.41 -41.84
N ARG A 107 19.81 31.37 -41.65
CA ARG A 107 18.47 31.04 -41.21
C ARG A 107 17.79 30.13 -42.24
N PRO A 108 16.91 29.24 -41.79
CA PRO A 108 16.32 28.26 -42.72
C PRO A 108 15.44 28.93 -43.76
N ALA A 109 15.54 28.41 -44.98
CA ALA A 109 14.71 28.90 -46.10
C ALA A 109 13.56 27.90 -46.33
N SER A 110 12.66 27.89 -45.36
CA SER A 110 11.54 26.96 -45.29
C SER A 110 11.00 27.00 -43.87
N PRO A 111 9.68 27.15 -43.67
CA PRO A 111 9.16 27.26 -42.30
C PRO A 111 9.58 26.08 -41.45
N THR A 112 10.20 26.37 -40.30
CA THR A 112 10.78 25.36 -39.44
C THR A 112 10.02 25.27 -38.12
N PRO A 113 9.74 24.06 -37.63
CA PRO A 113 9.03 23.93 -36.35
C PRO A 113 9.76 24.65 -35.22
N VAL A 114 8.97 25.23 -34.32
CA VAL A 114 9.47 26.09 -33.26
C VAL A 114 9.33 25.37 -31.92
N LEU A 115 10.37 25.46 -31.10
CA LEU A 115 10.34 25.01 -29.71
C LEU A 115 10.40 26.22 -28.80
N ILE A 116 9.48 26.29 -27.84
CA ILE A 116 9.46 27.38 -26.86
C ILE A 116 9.73 26.78 -25.49
N TRP A 117 10.83 27.22 -24.87
CA TRP A 117 11.22 26.73 -23.56
C TRP A 117 10.67 27.64 -22.47
N ILE A 118 10.06 27.05 -21.45
CA ILE A 118 9.60 27.77 -20.26
C ILE A 118 10.35 27.17 -19.07
N TYR A 119 11.23 27.97 -18.48
CA TYR A 119 12.04 27.47 -17.38
C TYR A 119 11.20 27.30 -16.12
N GLY A 120 11.72 26.47 -15.21
CA GLY A 120 11.14 26.29 -13.91
C GLY A 120 11.91 27.05 -12.83
N GLY A 121 11.62 26.69 -11.59
CA GLY A 121 12.20 27.36 -10.44
C GLY A 121 11.16 27.67 -9.37
N GLY A 122 10.18 26.77 -9.22
CA GLY A 122 9.17 26.94 -8.19
C GLY A 122 8.36 28.20 -8.29
N PHE A 123 8.32 28.83 -9.46
CA PHE A 123 7.61 30.08 -9.72
C PHE A 123 8.20 31.25 -8.96
N TYR A 124 9.37 31.09 -8.34
CA TYR A 124 10.03 32.17 -7.63
C TYR A 124 11.45 32.43 -8.12
N SER A 125 11.95 31.65 -9.09
CA SER A 125 13.30 31.80 -9.57
C SER A 125 13.38 31.30 -11.01
N GLY A 126 14.54 31.47 -11.62
CA GLY A 126 14.81 30.99 -12.96
C GLY A 126 15.11 32.12 -13.92
N ALA A 127 15.62 31.73 -15.09
CA ALA A 127 15.95 32.67 -16.15
C ALA A 127 16.21 31.90 -17.43
N ALA A 128 15.85 32.50 -18.56
CA ALA A 128 16.08 31.88 -19.85
C ALA A 128 17.54 31.94 -20.28
N SER A 129 18.39 32.64 -19.53
CA SER A 129 19.78 32.85 -19.91
C SER A 129 20.73 31.82 -19.30
N LEU A 130 20.22 30.87 -18.53
CA LEU A 130 21.10 29.88 -17.89
C LEU A 130 21.77 29.01 -18.94
N ASP A 131 22.97 28.55 -18.61
CA ASP A 131 23.75 27.75 -19.57
C ASP A 131 23.03 26.47 -19.94
N VAL A 132 22.32 25.85 -18.98
CA VAL A 132 21.64 24.60 -19.26
C VAL A 132 20.46 24.75 -20.21
N TYR A 133 20.07 25.99 -20.53
CA TYR A 133 19.00 26.26 -21.49
C TYR A 133 19.55 26.79 -22.82
N ASP A 134 20.83 26.56 -23.09
CA ASP A 134 21.48 27.08 -24.31
C ASP A 134 20.92 26.39 -25.55
N GLY A 135 20.24 27.17 -26.40
CA GLY A 135 19.58 26.62 -27.57
C GLY A 135 20.45 26.39 -28.78
N ARG A 136 21.76 26.62 -28.69
CA ARG A 136 22.60 26.54 -29.87
C ARG A 136 22.74 25.11 -30.39
N PHE A 137 22.66 24.12 -29.51
CA PHE A 137 22.85 22.74 -29.95
C PHE A 137 21.62 22.22 -30.69
N LEU A 138 20.42 22.47 -30.14
CA LEU A 138 19.21 22.08 -30.85
C LEU A 138 19.09 22.83 -32.18
N ALA A 139 19.52 24.09 -32.21
CA ALA A 139 19.45 24.85 -33.46
C ALA A 139 20.42 24.29 -34.50
N GLN A 140 21.64 23.96 -34.09
CA GLN A 140 22.66 23.53 -35.04
C GLN A 140 22.45 22.08 -35.47
N VAL A 141 22.21 21.19 -34.50
CA VAL A 141 22.18 19.76 -34.81
C VAL A 141 20.85 19.37 -35.43
N GLU A 142 19.74 19.87 -34.89
CA GLU A 142 18.41 19.48 -35.35
C GLU A 142 17.75 20.54 -36.23
N GLY A 143 18.41 21.66 -36.48
CA GLY A 143 17.83 22.69 -37.30
C GLY A 143 16.60 23.35 -36.72
N ALA A 144 16.43 23.28 -35.39
CA ALA A 144 15.25 23.83 -34.76
C ALA A 144 15.34 25.34 -34.61
N VAL A 145 14.18 25.99 -34.59
CA VAL A 145 14.05 27.36 -34.12
C VAL A 145 13.61 27.29 -32.68
N LEU A 146 14.46 27.72 -31.76
CA LEU A 146 14.21 27.62 -30.33
C LEU A 146 14.01 29.02 -29.75
N VAL A 147 12.96 29.17 -28.94
CA VAL A 147 12.64 30.44 -28.28
C VAL A 147 12.56 30.18 -26.78
N SER A 148 13.04 31.15 -26.00
CA SER A 148 12.90 31.11 -24.55
C SER A 148 12.65 32.53 -24.05
N MET A 149 11.75 32.65 -23.07
CA MET A 149 11.35 33.95 -22.55
C MET A 149 11.57 34.02 -21.06
N ASN A 150 11.86 35.23 -20.58
CA ASN A 150 11.77 35.52 -19.16
C ASN A 150 10.32 35.85 -18.81
N TYR A 151 9.90 35.45 -17.62
CA TYR A 151 8.60 35.81 -17.09
C TYR A 151 8.75 36.13 -15.60
N ARG A 152 7.91 37.03 -15.12
CA ARG A 152 8.03 37.48 -13.74
C ARG A 152 7.75 36.34 -12.77
N VAL A 153 8.56 36.26 -11.72
CA VAL A 153 8.47 35.22 -10.72
C VAL A 153 8.24 35.86 -9.36
N GLY A 154 7.93 35.02 -8.37
CA GLY A 154 7.75 35.50 -7.01
C GLY A 154 6.57 36.44 -6.90
N THR A 155 6.68 37.40 -5.97
CA THR A 155 5.63 38.39 -5.79
C THR A 155 5.37 39.15 -7.09
N PHE A 156 6.43 39.49 -7.81
CA PHE A 156 6.29 40.33 -8.99
C PHE A 156 5.44 39.65 -10.06
N GLY A 157 5.47 38.32 -10.11
CA GLY A 157 4.73 37.60 -11.12
C GLY A 157 3.44 36.96 -10.64
N PHE A 158 3.29 36.78 -9.32
CA PHE A 158 2.17 35.98 -8.84
C PHE A 158 1.54 36.46 -7.54
N LEU A 159 2.00 37.56 -6.95
CA LEU A 159 1.26 38.14 -5.84
C LEU A 159 -0.10 38.57 -6.34
N ALA A 160 -1.16 38.15 -5.63
CA ALA A 160 -2.51 38.35 -6.12
C ALA A 160 -3.44 38.72 -4.96
N LEU A 161 -4.27 39.73 -5.21
CA LEU A 161 -5.45 40.01 -4.41
C LEU A 161 -6.65 39.73 -5.30
N PRO A 162 -7.10 38.47 -5.38
CA PRO A 162 -8.06 38.10 -6.42
C PRO A 162 -9.30 38.99 -6.42
N GLY A 163 -9.71 39.40 -7.63
CA GLY A 163 -10.83 40.29 -7.80
C GLY A 163 -10.46 41.75 -7.92
N SER A 164 -9.26 42.13 -7.48
CA SER A 164 -8.80 43.50 -7.59
C SER A 164 -8.37 43.81 -9.02
N ARG A 165 -8.30 45.11 -9.33
CA ARG A 165 -7.83 45.56 -10.63
C ARG A 165 -6.32 45.70 -10.67
N GLU A 166 -5.69 45.99 -9.53
CA GLU A 166 -4.27 46.32 -9.48
C GLU A 166 -3.36 45.14 -9.21
N ALA A 167 -3.92 43.99 -8.81
CA ALA A 167 -3.14 42.77 -8.61
C ALA A 167 -4.04 41.57 -8.87
N PRO A 168 -4.42 41.36 -10.13
CA PRO A 168 -5.35 40.27 -10.46
C PRO A 168 -4.75 38.89 -10.32
N GLY A 169 -3.42 38.78 -10.29
CA GLY A 169 -2.76 37.50 -10.18
C GLY A 169 -2.44 36.90 -11.53
N ASN A 170 -1.52 35.93 -11.52
CA ASN A 170 -1.15 35.13 -12.68
C ASN A 170 -0.45 35.95 -13.76
N VAL A 171 0.03 37.15 -13.44
CA VAL A 171 0.62 37.98 -14.49
C VAL A 171 1.88 37.34 -15.04
N GLY A 172 2.57 36.51 -14.24
CA GLY A 172 3.71 35.79 -14.77
C GLY A 172 3.33 34.84 -15.88
N LEU A 173 2.16 34.20 -15.77
CA LEU A 173 1.65 33.38 -16.86
C LEU A 173 1.20 34.23 -18.04
N LEU A 174 0.74 35.46 -17.79
CA LEU A 174 0.40 36.36 -18.89
C LEU A 174 1.65 36.85 -19.60
N ASP A 175 2.76 37.00 -18.88
CA ASP A 175 4.04 37.26 -19.53
C ASP A 175 4.36 36.15 -20.53
N GLN A 176 4.25 34.89 -20.09
CA GLN A 176 4.47 33.77 -20.98
C GLN A 176 3.55 33.83 -22.20
N ARG A 177 2.25 34.04 -21.95
CA ARG A 177 1.30 34.10 -23.05
C ARG A 177 1.66 35.19 -24.05
N LEU A 178 2.07 36.36 -23.56
CA LEU A 178 2.45 37.45 -24.47
C LEU A 178 3.63 37.05 -25.32
N ALA A 179 4.60 36.33 -24.75
CA ALA A 179 5.71 35.81 -25.54
C ALA A 179 5.21 34.84 -26.60
N LEU A 180 4.24 33.99 -26.26
CA LEU A 180 3.67 33.07 -27.24
C LEU A 180 2.99 33.84 -28.38
N GLN A 181 2.32 34.94 -28.05
CA GLN A 181 1.72 35.78 -29.08
C GLN A 181 2.79 36.46 -29.92
N TRP A 182 3.89 36.86 -29.30
CA TRP A 182 5.00 37.44 -30.04
C TRP A 182 5.53 36.44 -31.07
N VAL A 183 5.65 35.18 -30.68
CA VAL A 183 6.13 34.15 -31.61
C VAL A 183 5.16 34.01 -32.78
N GLN A 184 3.86 34.01 -32.49
CA GLN A 184 2.87 33.84 -33.56
C GLN A 184 3.03 34.91 -34.64
N GLU A 185 3.29 36.15 -34.24
CA GLU A 185 3.36 37.24 -35.21
C GLU A 185 4.71 37.38 -35.87
N ASN A 186 5.79 37.04 -35.16
CA ASN A 186 7.13 37.44 -35.57
C ASN A 186 8.07 36.30 -35.91
N ILE A 187 7.82 35.07 -35.45
CA ILE A 187 8.81 34.01 -35.64
C ILE A 187 9.02 33.68 -37.12
N ALA A 188 8.05 34.00 -37.98
CA ALA A 188 8.25 33.78 -39.41
C ALA A 188 9.41 34.59 -39.95
N ALA A 189 9.70 35.74 -39.34
CA ALA A 189 10.82 36.56 -39.79
C ALA A 189 12.16 35.86 -39.57
N PHE A 190 12.20 34.87 -38.69
CA PHE A 190 13.41 34.09 -38.40
C PHE A 190 13.43 32.75 -39.13
N GLY A 191 12.43 32.47 -39.97
CA GLY A 191 12.32 31.18 -40.60
C GLY A 191 11.54 30.14 -39.81
N GLY A 192 10.88 30.54 -38.73
CA GLY A 192 10.11 29.60 -37.92
C GLY A 192 8.68 29.48 -38.42
N ASP A 193 8.09 28.31 -38.17
CA ASP A 193 6.73 28.02 -38.60
C ASP A 193 5.77 28.28 -37.44
N PRO A 194 4.99 29.37 -37.46
CA PRO A 194 4.05 29.59 -36.36
C PRO A 194 2.92 28.56 -36.29
N MET A 195 2.72 27.77 -37.34
CA MET A 195 1.72 26.72 -37.35
C MET A 195 2.23 25.41 -36.78
N SER A 196 3.49 25.37 -36.31
CA SER A 196 4.07 24.20 -35.66
C SER A 196 4.90 24.69 -34.47
N VAL A 197 4.21 24.94 -33.36
CA VAL A 197 4.83 25.45 -32.14
C VAL A 197 4.64 24.41 -31.04
N THR A 198 5.75 23.98 -30.44
CA THR A 198 5.74 23.03 -29.34
C THR A 198 6.30 23.71 -28.10
N LEU A 199 5.52 23.70 -27.02
CA LEU A 199 6.00 24.18 -25.73
C LEU A 199 6.68 23.04 -24.98
N PHE A 200 7.78 23.35 -24.30
CA PHE A 200 8.36 22.41 -23.37
C PHE A 200 8.98 23.18 -22.21
N GLY A 201 8.91 22.56 -21.02
CA GLY A 201 9.38 23.19 -19.80
C GLY A 201 9.54 22.14 -18.72
N GLU A 202 10.19 22.55 -17.64
CA GLU A 202 10.54 21.65 -16.55
C GLU A 202 10.17 22.29 -15.22
N SER A 203 9.71 21.46 -14.27
CA SER A 203 9.34 21.89 -12.93
C SER A 203 8.19 22.91 -13.06
N ALA A 204 8.32 24.11 -12.49
CA ALA A 204 7.26 25.11 -12.66
C ALA A 204 7.05 25.47 -14.13
N GLY A 205 8.05 25.28 -14.98
CA GLY A 205 7.86 25.53 -16.40
C GLY A 205 6.95 24.49 -17.03
N ALA A 206 7.08 23.23 -16.62
CA ALA A 206 6.15 22.21 -17.06
C ALA A 206 4.75 22.50 -16.54
N ALA A 207 4.64 22.89 -15.27
CA ALA A 207 3.34 23.29 -14.74
C ALA A 207 2.78 24.47 -15.53
N SER A 208 3.64 25.40 -15.92
CA SER A 208 3.21 26.52 -16.77
C SER A 208 2.67 26.01 -18.10
N VAL A 209 3.41 25.09 -18.75
CA VAL A 209 2.92 24.50 -19.99
C VAL A 209 1.53 23.92 -19.80
N GLY A 210 1.32 23.21 -18.68
CA GLY A 210 0.01 22.63 -18.43
C GLY A 210 -1.07 23.67 -18.25
N MET A 211 -0.73 24.80 -17.68
CA MET A 211 -1.72 25.85 -17.46
C MET A 211 -2.11 26.45 -18.80
N HIS A 212 -1.20 26.53 -19.76
CA HIS A 212 -1.57 26.99 -21.10
C HIS A 212 -2.47 25.98 -21.79
N ILE A 213 -2.24 24.68 -21.57
CA ILE A 213 -3.14 23.66 -22.09
C ILE A 213 -4.55 23.89 -21.54
N LEU A 214 -4.65 24.32 -20.29
CA LEU A 214 -5.93 24.41 -19.61
C LEU A 214 -6.59 25.78 -19.71
N SER A 215 -5.91 26.77 -20.29
CA SER A 215 -6.45 28.11 -20.46
C SER A 215 -6.80 28.31 -21.93
N LEU A 216 -8.06 28.64 -22.20
CA LEU A 216 -8.52 28.72 -23.59
C LEU A 216 -7.76 29.75 -24.39
N PRO A 217 -7.56 30.99 -23.95
CA PRO A 217 -6.88 31.98 -24.80
C PRO A 217 -5.47 31.57 -25.20
N SER A 218 -4.85 30.61 -24.50
CA SER A 218 -3.51 30.15 -24.86
C SER A 218 -3.52 29.06 -25.92
N ARG A 219 -4.63 28.33 -26.07
CA ARG A 219 -4.63 27.14 -26.91
C ARG A 219 -4.39 27.46 -28.38
N SER A 220 -4.73 28.67 -28.82
CA SER A 220 -4.51 29.06 -30.20
C SER A 220 -3.06 29.46 -30.46
N LEU A 221 -2.18 29.35 -29.47
CA LEU A 221 -0.81 29.84 -29.59
C LEU A 221 0.22 28.71 -29.65
N PHE A 222 -0.21 27.45 -29.62
CA PHE A 222 0.71 26.33 -29.72
C PHE A 222 -0.08 25.09 -30.09
N HIS A 223 0.65 24.04 -30.46
CA HIS A 223 0.06 22.82 -30.99
C HIS A 223 0.46 21.55 -30.28
N ARG A 224 1.60 21.53 -29.58
CA ARG A 224 2.05 20.36 -28.85
C ARG A 224 2.74 20.81 -27.57
N ALA A 225 2.93 19.88 -26.64
CA ALA A 225 3.41 20.24 -25.32
C ALA A 225 4.26 19.13 -24.74
N VAL A 226 5.31 19.51 -24.03
CA VAL A 226 6.17 18.59 -23.28
C VAL A 226 6.25 19.09 -21.85
N LEU A 227 5.93 18.21 -20.89
CA LEU A 227 5.93 18.54 -19.47
C LEU A 227 6.96 17.64 -18.79
N GLN A 228 8.09 18.22 -18.39
CA GLN A 228 9.18 17.49 -17.77
C GLN A 228 9.13 17.73 -16.26
N SER A 229 8.81 16.68 -15.51
CA SER A 229 8.87 16.70 -14.05
C SER A 229 8.06 17.87 -13.48
N GLY A 230 6.84 18.02 -13.96
CA GLY A 230 5.97 19.07 -13.47
C GLY A 230 4.59 19.04 -14.09
N THR A 231 3.59 19.51 -13.35
CA THR A 231 2.20 19.42 -13.79
C THR A 231 1.43 20.61 -13.23
N PRO A 232 0.33 21.01 -13.88
CA PRO A 232 -0.51 22.07 -13.28
C PRO A 232 -1.31 21.56 -12.09
N ASN A 233 -1.76 20.32 -12.14
CA ASN A 233 -2.34 19.67 -10.98
C ASN A 233 -1.24 19.36 -9.96
N GLY A 234 -1.64 18.95 -8.77
CA GLY A 234 -0.70 18.65 -7.72
C GLY A 234 -0.74 19.67 -6.61
N PRO A 235 0.08 19.47 -5.59
CA PRO A 235 -0.07 20.23 -4.34
C PRO A 235 0.65 21.57 -4.28
N TRP A 236 1.51 21.90 -5.25
CA TRP A 236 2.34 23.09 -5.16
C TRP A 236 2.15 24.10 -6.29
N ALA A 237 1.59 23.70 -7.43
CA ALA A 237 1.59 24.57 -8.60
C ALA A 237 0.53 25.67 -8.54
N THR A 238 -0.49 25.53 -7.70
CA THR A 238 -1.54 26.53 -7.61
C THR A 238 -1.95 26.73 -6.15
N VAL A 239 -2.57 27.89 -5.90
CA VAL A 239 -3.21 28.18 -4.63
C VAL A 239 -4.62 28.67 -4.94
N SER A 240 -5.49 28.57 -3.93
CA SER A 240 -6.83 29.13 -4.05
C SER A 240 -6.78 30.64 -3.97
N ALA A 241 -7.89 31.28 -4.35
CA ALA A 241 -7.97 32.74 -4.25
C ALA A 241 -7.87 33.18 -2.79
N GLY A 242 -8.55 32.47 -1.89
CA GLY A 242 -8.47 32.82 -0.48
C GLY A 242 -7.06 32.71 0.08
N GLU A 243 -6.35 31.65 -0.30
CA GLU A 243 -4.98 31.48 0.18
C GLU A 243 -4.05 32.52 -0.44
N ALA A 244 -4.25 32.84 -1.72
CA ALA A 244 -3.44 33.88 -2.35
C ALA A 244 -3.68 35.23 -1.70
N ARG A 245 -4.93 35.51 -1.33
CA ARG A 245 -5.25 36.79 -0.69
C ARG A 245 -4.58 36.91 0.68
N ARG A 246 -4.63 35.84 1.47
CA ARG A 246 -4.04 35.90 2.80
C ARG A 246 -2.51 36.01 2.72
N ARG A 247 -1.90 35.31 1.77
CA ARG A 247 -0.45 35.39 1.60
C ARG A 247 -0.03 36.80 1.17
N ALA A 248 -0.76 37.40 0.23
CA ALA A 248 -0.45 38.75 -0.20
C ALA A 248 -0.67 39.76 0.92
N THR A 249 -1.71 39.56 1.72
CA THR A 249 -2.00 40.49 2.81
C THR A 249 -0.95 40.38 3.91
N LEU A 250 -0.50 39.15 4.21
CA LEU A 250 0.54 38.98 5.22
C LEU A 250 1.85 39.60 4.77
N LEU A 251 2.27 39.32 3.52
CA LEU A 251 3.50 39.93 3.02
C LEU A 251 3.44 41.44 3.12
N ALA A 252 2.32 42.04 2.73
CA ALA A 252 2.17 43.48 2.82
C ALA A 252 2.41 43.96 4.25
N ARG A 253 1.82 43.27 5.23
CA ARG A 253 2.05 43.64 6.63
C ARG A 253 3.52 43.52 7.00
N LEU A 254 4.19 42.48 6.49
CA LEU A 254 5.58 42.23 6.86
C LEU A 254 6.53 43.28 6.31
N VAL A 255 6.14 44.03 5.27
CA VAL A 255 6.96 45.10 4.73
C VAL A 255 6.42 46.48 5.08
N GLY A 256 5.41 46.55 5.96
CA GLY A 256 4.92 47.82 6.45
C GLY A 256 3.81 48.41 5.60
N CYS A 257 2.92 47.56 5.09
CA CYS A 257 1.83 47.98 4.20
C CYS A 257 0.53 47.45 4.78
N PRO A 258 -0.08 48.16 5.74
CA PRO A 258 -1.25 47.60 6.42
C PRO A 258 -2.52 47.67 5.58
N ASN A 265 -8.95 47.98 1.99
CA ASN A 265 -9.17 48.22 0.57
C ASN A 265 -7.95 47.75 -0.21
N ASP A 266 -8.19 47.08 -1.34
CA ASP A 266 -7.09 46.51 -2.11
C ASP A 266 -6.25 47.60 -2.76
N THR A 267 -6.89 48.67 -3.25
CA THR A 267 -6.15 49.73 -3.95
C THR A 267 -5.05 50.31 -3.06
N GLU A 268 -5.39 50.75 -1.85
CA GLU A 268 -4.38 51.35 -0.99
C GLU A 268 -3.27 50.34 -0.64
N LEU A 269 -3.64 49.09 -0.43
CA LEU A 269 -2.65 48.07 -0.08
C LEU A 269 -1.65 47.88 -1.22
N ILE A 270 -2.16 47.67 -2.43
CA ILE A 270 -1.26 47.46 -3.58
C ILE A 270 -0.45 48.72 -3.85
N ALA A 271 -1.09 49.89 -3.75
CA ALA A 271 -0.37 51.13 -3.95
C ALA A 271 0.81 51.23 -2.98
N CYS A 272 0.62 50.80 -1.73
CA CYS A 272 1.70 50.83 -0.76
C CYS A 272 2.77 49.80 -1.11
N LEU A 273 2.36 48.62 -1.60
CA LEU A 273 3.33 47.61 -2.00
C LEU A 273 4.19 48.08 -3.16
N ARG A 274 3.61 48.87 -4.07
CA ARG A 274 4.35 49.37 -5.23
C ARG A 274 5.44 50.35 -4.83
N THR A 275 5.34 50.97 -3.65
CA THR A 275 6.37 51.88 -3.18
C THR A 275 7.55 51.17 -2.56
N ARG A 276 7.44 49.86 -2.30
N ARG A 276 7.44 49.86 -2.33
CA ARG A 276 8.49 49.13 -1.63
CA ARG A 276 8.50 49.15 -1.61
C ARG A 276 9.58 48.72 -2.61
C ARG A 276 9.58 48.69 -2.58
N PRO A 277 10.84 48.70 -2.17
CA PRO A 277 11.91 48.22 -3.05
C PRO A 277 11.71 46.74 -3.39
N ALA A 278 12.17 46.36 -4.58
CA ALA A 278 12.04 44.97 -5.02
C ALA A 278 12.65 44.02 -4.01
N GLN A 279 13.84 44.35 -3.50
CA GLN A 279 14.53 43.44 -2.59
C GLN A 279 13.77 43.27 -1.28
N ASP A 280 13.01 44.28 -0.87
CA ASP A 280 12.23 44.16 0.36
C ASP A 280 11.17 43.05 0.24
N LEU A 281 10.53 42.95 -0.94
CA LEU A 281 9.55 41.89 -1.14
C LEU A 281 10.23 40.52 -1.16
N VAL A 282 11.39 40.42 -1.82
CA VAL A 282 12.11 39.16 -1.87
C VAL A 282 12.52 38.72 -0.47
N ASP A 283 12.90 39.68 0.39
CA ASP A 283 13.41 39.35 1.71
C ASP A 283 12.36 38.72 2.62
N HIS A 284 11.07 38.86 2.29
CA HIS A 284 9.99 38.38 3.15
C HIS A 284 9.08 37.37 2.47
N GLU A 285 9.28 37.08 1.18
CA GLU A 285 8.32 36.25 0.45
C GLU A 285 8.24 34.84 1.04
N TRP A 286 9.31 34.37 1.67
CA TRP A 286 9.32 33.02 2.22
C TRP A 286 8.66 32.93 3.60
N HIS A 287 8.30 34.07 4.20
CA HIS A 287 7.74 34.09 5.55
C HIS A 287 6.22 33.97 5.57
N VAL A 288 5.58 33.75 4.42
CA VAL A 288 4.13 33.73 4.33
C VAL A 288 3.57 32.32 4.16
N LEU A 289 4.42 31.30 4.06
CA LEU A 289 3.91 29.95 3.90
C LEU A 289 3.21 29.49 5.17
N PRO A 290 2.10 28.75 5.06
CA PRO A 290 1.33 28.43 6.27
C PRO A 290 1.99 27.41 7.18
N GLN A 291 2.83 26.53 6.65
CA GLN A 291 3.51 25.53 7.47
C GLN A 291 4.95 25.41 7.01
N GLU A 292 5.80 24.95 7.94
N GLU A 292 5.77 24.87 7.93
CA GLU A 292 7.15 24.55 7.57
CA GLU A 292 7.18 24.51 7.64
C GLU A 292 7.08 23.45 6.52
C GLU A 292 7.07 23.48 6.52
N SER A 293 7.75 23.65 5.40
CA SER A 293 7.54 22.76 4.28
C SER A 293 8.74 22.81 3.33
N ILE A 294 8.82 21.77 2.50
CA ILE A 294 9.67 21.77 1.32
C ILE A 294 8.76 21.55 0.12
N PHE A 295 9.26 21.95 -1.05
CA PHE A 295 8.51 21.86 -2.30
C PHE A 295 7.19 22.64 -2.18
N ARG A 296 7.24 23.78 -1.52
CA ARG A 296 6.12 24.71 -1.45
C ARG A 296 6.65 26.11 -1.70
N PHE A 297 5.90 26.90 -2.46
CA PHE A 297 6.35 28.21 -2.91
C PHE A 297 5.24 29.22 -2.67
N SER A 298 5.64 30.40 -2.16
CA SER A 298 4.68 31.34 -1.59
C SER A 298 3.76 31.91 -2.64
N PHE A 299 4.28 32.24 -3.83
CA PHE A 299 3.52 32.99 -4.83
C PHE A 299 3.55 32.22 -6.15
N VAL A 300 2.43 31.55 -6.43
CA VAL A 300 2.30 30.64 -7.56
C VAL A 300 1.00 30.99 -8.28
N PRO A 301 0.70 30.39 -9.43
CA PRO A 301 -0.58 30.66 -10.09
C PRO A 301 -1.76 30.46 -9.16
N VAL A 302 -2.78 31.30 -9.33
CA VAL A 302 -3.95 31.31 -8.47
C VAL A 302 -5.16 30.90 -9.30
N VAL A 303 -6.08 30.15 -8.67
CA VAL A 303 -7.35 29.81 -9.30
C VAL A 303 -8.25 31.03 -9.22
N ASP A 304 -8.16 31.90 -10.23
CA ASP A 304 -8.87 33.17 -10.22
C ASP A 304 -10.23 33.11 -10.91
N GLY A 305 -10.58 31.98 -11.52
CA GLY A 305 -11.78 31.94 -12.34
C GLY A 305 -11.64 32.71 -13.64
N ASP A 306 -10.42 32.99 -14.09
CA ASP A 306 -10.19 33.74 -15.31
C ASP A 306 -9.18 33.01 -16.19
N PHE A 307 -7.88 33.21 -15.93
CA PHE A 307 -6.87 32.39 -16.58
C PHE A 307 -7.14 30.90 -16.33
N LEU A 308 -7.45 30.56 -15.08
CA LEU A 308 -7.87 29.21 -14.70
C LEU A 308 -9.34 29.27 -14.30
N SER A 309 -10.22 28.77 -15.16
CA SER A 309 -11.65 28.79 -14.88
C SER A 309 -12.01 27.94 -13.67
N ASP A 310 -11.16 26.98 -13.32
CA ASP A 310 -11.39 26.09 -12.18
C ASP A 310 -10.04 25.52 -11.77
N THR A 311 -10.06 24.67 -10.74
CA THR A 311 -8.81 24.04 -10.32
C THR A 311 -8.26 23.18 -11.46
N PRO A 312 -6.94 23.07 -11.58
CA PRO A 312 -6.38 22.16 -12.59
C PRO A 312 -6.94 20.75 -12.50
N GLU A 313 -7.12 20.23 -11.28
CA GLU A 313 -7.71 18.91 -11.11
C GLU A 313 -9.05 18.81 -11.83
N ALA A 314 -9.95 19.76 -11.57
CA ALA A 314 -11.27 19.73 -12.18
C ALA A 314 -11.18 19.91 -13.70
N LEU A 315 -10.21 20.67 -14.18
CA LEU A 315 -10.11 20.93 -15.61
C LEU A 315 -9.56 19.74 -16.38
N ILE A 316 -8.65 18.97 -15.78
CA ILE A 316 -8.15 17.76 -16.44
C ILE A 316 -9.11 16.59 -16.27
N ASN A 317 -9.93 16.60 -15.21
CA ASN A 317 -10.89 15.52 -15.00
C ASN A 317 -12.04 15.58 -16.01
N THR A 318 -12.31 16.76 -16.59
CA THR A 318 -13.50 16.96 -17.41
C THR A 318 -13.19 17.62 -18.74
N GLY A 319 -11.92 17.79 -19.10
CA GLY A 319 -11.58 18.48 -20.32
C GLY A 319 -11.54 17.58 -21.54
N ASP A 320 -11.69 18.21 -22.70
CA ASP A 320 -11.59 17.52 -23.99
C ASP A 320 -10.24 17.83 -24.60
N PHE A 321 -9.43 16.81 -24.79
CA PHE A 321 -8.06 16.95 -25.28
C PHE A 321 -7.82 16.09 -26.51
N GLN A 322 -8.79 16.07 -27.42
CA GLN A 322 -8.72 15.17 -28.58
C GLN A 322 -7.52 15.52 -29.46
N ASP A 323 -7.45 16.76 -29.93
CA ASP A 323 -6.40 17.17 -30.87
C ASP A 323 -5.20 17.74 -30.12
N LEU A 324 -4.65 16.91 -29.24
CA LEU A 324 -3.53 17.32 -28.40
C LEU A 324 -2.56 16.15 -28.26
N GLN A 325 -1.30 16.38 -28.61
CA GLN A 325 -0.22 15.44 -28.39
C GLN A 325 0.68 15.98 -27.28
N VAL A 326 1.04 15.12 -26.34
CA VAL A 326 1.76 15.54 -25.15
C VAL A 326 2.84 14.51 -24.84
N LEU A 327 3.98 15.00 -24.37
CA LEU A 327 5.10 14.18 -23.90
C LEU A 327 5.38 14.56 -22.45
N VAL A 328 5.36 13.56 -21.56
CA VAL A 328 5.52 13.79 -20.13
C VAL A 328 6.49 12.77 -19.55
N GLY A 329 7.14 13.13 -18.45
CA GLY A 329 7.99 12.16 -17.79
C GLY A 329 8.58 12.74 -16.52
N VAL A 330 9.42 11.91 -15.89
CA VAL A 330 10.02 12.21 -14.59
C VAL A 330 11.45 11.70 -14.61
N VAL A 331 12.24 12.17 -13.64
CA VAL A 331 13.58 11.64 -13.42
C VAL A 331 13.47 10.56 -12.35
N LYS A 332 14.56 9.81 -12.15
CA LYS A 332 14.53 8.64 -11.28
C LYS A 332 14.31 9.04 -9.81
N ASP A 333 14.84 10.19 -9.38
CA ASP A 333 14.85 10.58 -7.98
C ASP A 333 14.34 12.02 -7.85
N GLU A 334 13.03 12.19 -8.03
CA GLU A 334 12.45 13.53 -8.07
C GLU A 334 12.60 14.27 -6.74
N GLY A 335 12.63 13.55 -5.62
CA GLY A 335 12.53 14.19 -4.33
C GLY A 335 13.83 14.57 -3.65
N SER A 336 14.93 13.92 -4.03
CA SER A 336 16.15 14.03 -3.24
C SER A 336 16.65 15.47 -3.14
N TYR A 337 16.55 16.23 -4.24
CA TYR A 337 17.08 17.59 -4.26
C TYR A 337 16.47 18.44 -3.16
N PHE A 338 15.18 18.29 -2.92
CA PHE A 338 14.46 19.19 -2.03
C PHE A 338 14.68 18.88 -0.55
N LEU A 339 15.25 17.71 -0.22
CA LEU A 339 15.38 17.33 1.18
C LEU A 339 16.42 18.19 1.89
N VAL A 340 17.50 18.57 1.19
CA VAL A 340 18.58 19.31 1.83
C VAL A 340 18.19 20.76 2.07
N TYR A 341 16.99 21.15 1.66
CA TYR A 341 16.51 22.51 1.83
C TYR A 341 15.53 22.66 2.98
N GLY A 342 15.50 21.72 3.92
CA GLY A 342 14.68 21.92 5.11
C GLY A 342 14.36 20.72 5.97
N VAL A 343 14.69 19.51 5.52
CA VAL A 343 14.42 18.29 6.27
C VAL A 343 15.64 18.00 7.13
N PRO A 344 15.54 18.06 8.46
CA PRO A 344 16.71 17.77 9.30
C PRO A 344 17.27 16.38 9.02
N GLY A 345 18.60 16.29 9.03
CA GLY A 345 19.31 15.06 8.77
C GLY A 345 19.81 14.90 7.35
N PHE A 346 19.42 15.78 6.44
CA PHE A 346 19.77 15.66 5.03
C PHE A 346 20.74 16.75 4.63
N SER A 347 21.85 16.35 4.03
CA SER A 347 22.88 17.27 3.56
C SER A 347 23.56 16.66 2.35
N LYS A 348 24.09 17.52 1.48
CA LYS A 348 24.86 17.03 0.35
C LYS A 348 26.22 16.49 0.78
N ASP A 349 26.67 16.83 1.98
CA ASP A 349 28.03 16.55 2.41
C ASP A 349 28.17 15.28 3.24
N ASN A 350 27.08 14.55 3.46
CA ASN A 350 27.16 13.25 4.10
C ASN A 350 26.11 12.33 3.49
N GLU A 351 26.16 11.06 3.87
CA GLU A 351 25.27 10.05 3.31
C GLU A 351 23.81 10.26 3.72
N SER A 352 23.54 11.13 4.69
CA SER A 352 22.18 11.49 5.07
C SER A 352 21.36 10.28 5.51
N LEU A 353 22.02 9.36 6.20
CA LEU A 353 21.30 8.28 6.86
C LEU A 353 20.53 8.85 8.04
N ILE A 354 19.24 8.55 8.12
CA ILE A 354 18.36 9.17 9.10
C ILE A 354 17.68 8.12 9.97
N SER A 355 17.19 8.56 11.11
CA SER A 355 16.47 7.71 12.05
C SER A 355 14.98 7.68 11.70
N ARG A 356 14.27 6.75 12.33
CA ARG A 356 12.82 6.70 12.12
C ARG A 356 12.16 8.00 12.57
N ALA A 357 12.60 8.55 13.70
CA ALA A 357 12.02 9.81 14.16
C ALA A 357 12.24 10.93 13.15
N GLN A 358 13.43 10.99 12.55
CA GLN A 358 13.67 12.01 11.52
C GLN A 358 12.80 11.77 10.30
N PHE A 359 12.45 10.52 10.02
CA PHE A 359 11.58 10.22 8.89
C PHE A 359 10.16 10.72 9.15
N LEU A 360 9.64 10.46 10.35
CA LEU A 360 8.31 10.96 10.70
C LEU A 360 8.28 12.49 10.66
N ALA A 361 9.30 13.13 11.24
CA ALA A 361 9.37 14.59 11.19
C ALA A 361 9.48 15.08 9.76
N GLY A 362 10.24 14.37 8.92
CA GLY A 362 10.37 14.78 7.53
C GLY A 362 9.07 14.68 6.77
N VAL A 363 8.24 13.67 7.09
CA VAL A 363 6.96 13.52 6.40
C VAL A 363 6.06 14.72 6.67
N ARG A 364 6.08 15.22 7.91
CA ARG A 364 5.26 16.40 8.20
C ARG A 364 5.73 17.62 7.42
N ILE A 365 7.01 17.66 7.06
CA ILE A 365 7.54 18.78 6.27
C ILE A 365 7.32 18.55 4.78
N GLY A 366 7.46 17.31 4.32
CA GLY A 366 7.24 17.00 2.92
C GLY A 366 5.78 16.94 2.52
N VAL A 367 4.90 16.68 3.48
CA VAL A 367 3.46 16.67 3.24
C VAL A 367 2.83 17.64 4.22
N PRO A 368 3.08 18.94 4.07
CA PRO A 368 2.70 19.91 5.12
C PRO A 368 1.21 20.05 5.30
N GLN A 369 0.40 19.75 4.29
N GLN A 369 0.41 19.75 4.28
CA GLN A 369 -1.05 19.88 4.41
CA GLN A 369 -1.03 19.86 4.35
C GLN A 369 -1.71 18.67 5.07
C GLN A 369 -1.69 18.57 4.85
N ALA A 370 -0.94 17.65 5.44
CA ALA A 370 -1.50 16.40 5.92
C ALA A 370 -1.91 16.49 7.38
N SER A 371 -3.09 15.96 7.68
CA SER A 371 -3.49 15.73 9.06
C SER A 371 -2.59 14.65 9.67
N ASP A 372 -2.73 14.48 10.98
CA ASP A 372 -1.94 13.46 11.67
C ASP A 372 -2.24 12.07 11.12
N LEU A 373 -3.52 11.82 10.77
CA LEU A 373 -3.88 10.51 10.25
C LEU A 373 -3.35 10.31 8.84
N ALA A 374 -3.45 11.33 7.98
CA ALA A 374 -2.90 11.22 6.64
C ALA A 374 -1.39 11.01 6.69
N ALA A 375 -0.70 11.77 7.54
CA ALA A 375 0.74 11.60 7.68
C ALA A 375 1.07 10.18 8.15
N GLU A 376 0.29 9.65 9.09
CA GLU A 376 0.52 8.28 9.54
C GLU A 376 0.34 7.29 8.39
N ALA A 377 -0.72 7.48 7.60
CA ALA A 377 -0.91 6.64 6.42
C ALA A 377 0.33 6.67 5.51
N VAL A 378 0.91 7.85 5.30
CA VAL A 378 2.10 7.95 4.46
C VAL A 378 3.24 7.13 5.06
N VAL A 379 3.47 7.31 6.37
CA VAL A 379 4.58 6.62 7.03
C VAL A 379 4.40 5.11 6.92
N LEU A 380 3.17 4.61 7.14
CA LEU A 380 2.96 3.18 7.05
C LEU A 380 3.16 2.66 5.63
N HIS A 381 2.72 3.44 4.63
CA HIS A 381 2.85 3.00 3.25
C HIS A 381 4.30 2.90 2.83
N TYR A 382 5.13 3.87 3.23
CA TYR A 382 6.51 3.94 2.75
C TYR A 382 7.49 3.21 3.65
N THR A 383 7.09 2.82 4.85
CA THR A 383 7.97 2.03 5.71
C THR A 383 8.16 0.64 5.11
N ASP A 384 9.37 0.12 5.24
CA ASP A 384 9.68 -1.27 4.93
C ASP A 384 9.60 -2.04 6.25
N TRP A 385 8.52 -2.80 6.44
CA TRP A 385 8.24 -3.46 7.71
C TRP A 385 9.11 -4.68 7.94
N LEU A 386 9.95 -5.06 6.98
CA LEU A 386 11.02 -6.00 7.26
C LEU A 386 12.22 -5.30 7.89
N HIS A 387 12.40 -4.01 7.61
CA HIS A 387 13.51 -3.23 8.15
C HIS A 387 13.00 -1.83 8.50
N PRO A 388 12.06 -1.73 9.43
CA PRO A 388 11.40 -0.44 9.69
C PRO A 388 12.33 0.64 10.24
N GLU A 389 13.54 0.28 10.70
CA GLU A 389 14.45 1.26 11.27
C GLU A 389 15.75 1.41 10.48
N ASP A 390 15.85 0.78 9.30
CA ASP A 390 17.08 0.85 8.52
C ASP A 390 17.32 2.28 8.06
N PRO A 391 18.45 2.90 8.42
CA PRO A 391 18.66 4.31 8.04
C PRO A 391 18.71 4.55 6.54
N THR A 392 19.28 3.62 5.77
CA THR A 392 19.39 3.84 4.34
C THR A 392 18.02 3.79 3.67
N HIS A 393 17.16 2.87 4.10
CA HIS A 393 15.83 2.78 3.49
C HIS A 393 14.98 3.99 3.87
N LEU A 394 15.09 4.46 5.12
CA LEU A 394 14.32 5.63 5.53
C LEU A 394 14.73 6.86 4.75
N ARG A 395 16.03 7.02 4.52
CA ARG A 395 16.50 8.14 3.71
C ARG A 395 15.92 8.07 2.30
N ASP A 396 16.00 6.89 1.68
CA ASP A 396 15.42 6.73 0.34
C ASP A 396 13.91 6.83 0.35
N ALA A 397 13.27 6.42 1.45
CA ALA A 397 11.82 6.56 1.56
C ALA A 397 11.43 8.03 1.66
N MET A 398 12.18 8.81 2.43
CA MET A 398 11.91 10.25 2.50
C MET A 398 11.95 10.89 1.13
N SER A 399 12.95 10.51 0.31
CA SER A 399 13.04 11.05 -1.03
C SER A 399 11.85 10.63 -1.88
N ALA A 400 11.42 9.37 -1.75
CA ALA A 400 10.29 8.89 -2.55
C ALA A 400 9.00 9.58 -2.15
N VAL A 401 8.79 9.81 -0.85
CA VAL A 401 7.60 10.53 -0.41
C VAL A 401 7.51 11.88 -1.13
N VAL A 402 8.57 12.67 -1.06
CA VAL A 402 8.55 14.02 -1.63
C VAL A 402 8.41 13.95 -3.15
N GLY A 403 9.16 13.06 -3.80
CA GLY A 403 9.10 12.98 -5.24
C GLY A 403 7.76 12.45 -5.74
N ASP A 404 7.25 11.40 -5.09
CA ASP A 404 5.96 10.85 -5.50
C ASP A 404 4.84 11.85 -5.29
N HIS A 405 4.85 12.53 -4.15
CA HIS A 405 3.74 13.41 -3.79
C HIS A 405 3.70 14.63 -4.69
N ASN A 406 4.85 15.19 -5.03
CA ASN A 406 4.91 16.47 -5.73
C ASN A 406 5.04 16.34 -7.24
N VAL A 407 5.58 15.22 -7.75
CA VAL A 407 5.86 15.12 -9.18
C VAL A 407 5.30 13.85 -9.80
N VAL A 408 5.77 12.68 -9.32
CA VAL A 408 5.53 11.44 -10.05
C VAL A 408 4.03 11.15 -10.14
N CYS A 409 3.31 11.31 -9.04
CA CYS A 409 1.91 10.91 -9.04
C CYS A 409 1.02 11.98 -9.66
N PRO A 410 1.30 13.27 -9.45
CA PRO A 410 0.63 14.29 -10.27
C PRO A 410 0.82 14.06 -11.76
N VAL A 411 2.03 13.68 -12.17
CA VAL A 411 2.27 13.37 -13.59
C VAL A 411 1.47 12.14 -14.00
N ALA A 412 1.51 11.09 -13.18
CA ALA A 412 0.73 9.89 -13.49
C ALA A 412 -0.75 10.23 -13.62
N GLN A 413 -1.27 11.05 -12.71
N GLN A 413 -1.22 11.11 -12.74
CA GLN A 413 -2.65 11.48 -12.80
CA GLN A 413 -2.63 11.58 -12.68
C GLN A 413 -2.90 12.21 -14.11
C GLN A 413 -2.98 12.33 -13.98
N LEU A 414 -2.06 13.20 -14.42
CA LEU A 414 -2.25 13.97 -15.65
C LEU A 414 -2.22 13.07 -16.88
N ALA A 415 -1.22 12.20 -16.99
CA ALA A 415 -1.13 11.32 -18.14
C ALA A 415 -2.39 10.46 -18.28
N GLY A 416 -2.91 9.95 -17.16
CA GLY A 416 -4.07 9.09 -17.24
C GLY A 416 -5.32 9.84 -17.68
N ARG A 417 -5.55 11.03 -17.14
CA ARG A 417 -6.73 11.80 -17.52
C ARG A 417 -6.64 12.26 -18.97
N LEU A 418 -5.47 12.77 -19.38
CA LEU A 418 -5.32 13.23 -20.76
C LEU A 418 -5.52 12.09 -21.74
N ALA A 419 -4.96 10.91 -21.44
CA ALA A 419 -5.14 9.77 -22.33
C ALA A 419 -6.60 9.34 -22.40
N ALA A 420 -7.27 9.28 -21.23
CA ALA A 420 -8.66 8.86 -21.21
C ALA A 420 -9.57 9.83 -21.95
N GLN A 421 -9.15 11.08 -22.14
CA GLN A 421 -10.01 12.12 -22.67
C GLN A 421 -9.49 12.65 -24.00
N GLY A 422 -8.89 11.78 -24.81
CA GLY A 422 -8.66 12.05 -26.22
C GLY A 422 -7.22 12.36 -26.59
N ALA A 423 -6.36 12.67 -25.63
CA ALA A 423 -5.01 13.11 -25.96
C ALA A 423 -4.12 11.91 -26.32
N ARG A 424 -3.14 12.18 -27.19
CA ARG A 424 -2.08 11.23 -27.47
C ARG A 424 -0.90 11.54 -26.54
N VAL A 425 -0.55 10.59 -25.68
CA VAL A 425 0.41 10.82 -24.61
C VAL A 425 1.59 9.88 -24.80
N TYR A 426 2.79 10.41 -24.61
CA TYR A 426 4.02 9.63 -24.53
C TYR A 426 4.66 9.91 -23.18
N ALA A 427 5.09 8.86 -22.49
CA ALA A 427 5.61 8.97 -21.15
C ALA A 427 7.00 8.36 -21.06
N TYR A 428 7.84 8.95 -20.21
CA TYR A 428 9.20 8.46 -20.01
C TYR A 428 9.57 8.57 -18.53
N ILE A 429 10.59 7.81 -18.15
CA ILE A 429 11.33 8.05 -16.92
C ILE A 429 12.80 8.18 -17.27
N PHE A 430 13.45 9.23 -16.78
CA PHE A 430 14.84 9.54 -17.09
C PHE A 430 15.71 8.98 -15.98
N GLU A 431 16.63 8.07 -16.34
CA GLU A 431 17.34 7.26 -15.35
C GLU A 431 18.85 7.40 -15.42
N HIS A 432 19.39 8.28 -16.26
CA HIS A 432 20.83 8.42 -16.37
C HIS A 432 21.33 9.52 -15.45
N ARG A 433 22.34 9.19 -14.64
CA ARG A 433 23.01 10.15 -13.79
C ARG A 433 24.25 10.68 -14.53
N ALA A 434 24.29 11.99 -14.77
CA ALA A 434 25.40 12.57 -15.51
C ALA A 434 26.72 12.23 -14.84
N SER A 435 27.70 11.81 -15.64
CA SER A 435 29.04 11.58 -15.12
C SER A 435 29.64 12.85 -14.53
N THR A 436 29.09 14.01 -14.88
CA THR A 436 29.57 15.30 -14.42
C THR A 436 28.82 15.82 -13.20
N LEU A 437 27.86 15.05 -12.68
CA LEU A 437 27.04 15.54 -11.59
C LEU A 437 27.88 15.81 -10.34
N THR A 438 27.61 16.94 -9.69
CA THR A 438 28.36 17.34 -8.50
C THR A 438 27.63 17.00 -7.19
N TRP A 439 26.36 16.63 -7.26
CA TRP A 439 25.63 16.22 -6.08
C TRP A 439 26.05 14.80 -5.66
N PRO A 440 25.84 14.43 -4.40
CA PRO A 440 26.29 13.12 -3.93
C PRO A 440 25.49 11.99 -4.55
N LEU A 441 26.03 10.78 -4.42
CA LEU A 441 25.44 9.62 -5.07
C LEU A 441 24.07 9.27 -4.49
N TRP A 442 23.84 9.51 -3.20
CA TRP A 442 22.57 9.09 -2.61
C TRP A 442 21.40 9.86 -3.21
N MET A 443 21.64 11.01 -3.82
CA MET A 443 20.58 11.75 -4.48
C MET A 443 20.18 11.15 -5.82
N GLY A 444 20.98 10.23 -6.36
CA GLY A 444 20.57 9.52 -7.57
C GLY A 444 20.54 10.46 -8.77
N VAL A 445 19.45 10.39 -9.53
CA VAL A 445 19.21 11.29 -10.66
C VAL A 445 18.25 12.37 -10.18
N PRO A 446 18.73 13.54 -9.77
CA PRO A 446 17.84 14.50 -9.13
C PRO A 446 17.03 15.31 -10.13
N HIS A 447 15.97 15.91 -9.59
CA HIS A 447 15.14 16.88 -10.30
C HIS A 447 15.99 17.84 -11.10
N GLY A 448 15.68 17.99 -12.39
CA GLY A 448 16.27 18.99 -13.23
C GLY A 448 17.50 18.58 -13.99
N TYR A 449 18.04 17.38 -13.76
CA TYR A 449 19.32 17.00 -14.35
C TYR A 449 19.16 16.12 -15.59
N GLU A 450 17.96 16.11 -16.18
CA GLU A 450 17.79 15.68 -17.56
C GLU A 450 17.92 16.84 -18.55
N ILE A 451 17.77 18.07 -18.07
CA ILE A 451 17.69 19.23 -18.96
C ILE A 451 18.96 19.34 -19.80
N GLU A 452 20.13 19.22 -19.17
CA GLU A 452 21.38 19.39 -19.88
C GLU A 452 21.53 18.39 -21.03
N PHE A 453 20.85 17.24 -20.96
CA PHE A 453 20.90 16.27 -22.04
C PHE A 453 19.89 16.59 -23.14
N ILE A 454 18.70 17.10 -22.76
CA ILE A 454 17.71 17.49 -23.76
C ILE A 454 18.26 18.61 -24.64
N PHE A 455 18.93 19.59 -24.03
CA PHE A 455 19.47 20.72 -24.76
C PHE A 455 20.79 20.39 -25.44
N GLY A 456 21.37 19.22 -25.19
CA GLY A 456 22.53 18.78 -25.94
C GLY A 456 23.85 19.29 -25.47
N LEU A 457 23.98 19.70 -24.21
CA LEU A 457 25.27 20.17 -23.73
C LEU A 457 26.37 19.12 -23.86
N PRO A 458 26.12 17.82 -23.69
CA PRO A 458 27.20 16.84 -23.87
C PRO A 458 27.87 16.91 -25.23
N LEU A 459 27.27 17.60 -26.21
CA LEU A 459 27.93 17.76 -27.51
C LEU A 459 29.07 18.77 -27.45
N ASP A 460 29.09 19.62 -26.44
CA ASP A 460 30.20 20.55 -26.26
C ASP A 460 31.40 19.77 -25.75
N PRO A 461 32.48 19.62 -26.53
CA PRO A 461 33.57 18.72 -26.12
C PRO A 461 34.30 19.20 -24.87
N SER A 462 34.25 20.50 -24.56
CA SER A 462 34.97 21.05 -23.42
C SER A 462 34.30 20.74 -22.08
N LEU A 463 33.11 20.16 -22.08
CA LEU A 463 32.38 19.88 -20.85
C LEU A 463 32.69 18.50 -20.28
N ASN A 464 33.56 17.72 -20.94
CA ASN A 464 34.11 16.49 -20.38
C ASN A 464 33.03 15.45 -20.09
N TYR A 465 31.94 15.47 -20.85
CA TYR A 465 31.01 14.35 -20.82
C TYR A 465 31.65 13.14 -21.52
N THR A 466 31.08 11.96 -21.28
CA THR A 466 31.58 10.76 -21.94
C THR A 466 31.03 10.67 -23.36
N THR A 467 31.69 9.84 -24.18
CA THR A 467 31.23 9.64 -25.54
C THR A 467 29.83 9.03 -25.56
N GLU A 468 29.57 8.09 -24.64
CA GLU A 468 28.25 7.49 -24.57
C GLU A 468 27.20 8.54 -24.21
N GLU A 469 27.55 9.49 -23.36
CA GLU A 469 26.62 10.55 -23.00
C GLU A 469 26.37 11.49 -24.18
N ARG A 470 27.37 11.68 -25.03
CA ARG A 470 27.17 12.47 -26.24
C ARG A 470 26.16 11.81 -27.16
N ILE A 471 26.36 10.52 -27.46
CA ILE A 471 25.39 9.77 -28.25
C ILE A 471 24.02 9.80 -27.58
N PHE A 472 23.99 9.67 -26.25
CA PHE A 472 22.73 9.68 -25.52
C PHE A 472 22.00 11.01 -25.72
N ALA A 473 22.72 12.12 -25.63
CA ALA A 473 22.08 13.42 -25.82
C ALA A 473 21.50 13.56 -27.21
N GLN A 474 22.21 13.08 -28.24
CA GLN A 474 21.71 13.17 -29.60
C GLN A 474 20.42 12.38 -29.76
N ARG A 475 20.32 11.22 -29.09
CA ARG A 475 19.08 10.46 -29.12
C ARG A 475 17.92 11.27 -28.55
N LEU A 476 18.12 11.87 -27.37
CA LEU A 476 17.04 12.63 -26.73
C LEU A 476 16.65 13.83 -27.57
N MET A 477 17.63 14.58 -28.07
CA MET A 477 17.34 15.69 -28.97
C MET A 477 16.46 15.22 -30.13
N LYS A 478 16.79 14.06 -30.69
CA LYS A 478 15.98 13.51 -31.78
C LYS A 478 14.57 13.18 -31.32
N TYR A 479 14.43 12.58 -30.14
CA TYR A 479 13.10 12.30 -29.60
C TYR A 479 12.29 13.58 -29.48
N TRP A 480 12.89 14.61 -28.85
CA TRP A 480 12.15 15.84 -28.57
C TRP A 480 11.78 16.57 -29.85
N THR A 481 12.74 16.69 -30.79
CA THR A 481 12.45 17.41 -32.03
C THR A 481 11.53 16.60 -32.94
N ASN A 482 11.66 15.27 -32.94
CA ASN A 482 10.71 14.45 -33.68
C ASN A 482 9.29 14.67 -33.16
N PHE A 483 9.13 14.69 -31.85
CA PHE A 483 7.81 14.98 -31.28
C PHE A 483 7.34 16.38 -31.66
N ALA A 484 8.25 17.36 -31.60
CA ALA A 484 7.91 18.71 -32.04
C ALA A 484 7.48 18.72 -33.50
N ARG A 485 8.17 17.96 -34.34
CA ARG A 485 7.88 17.97 -35.77
C ARG A 485 6.56 17.27 -36.08
N THR A 486 6.30 16.13 -35.44
CA THR A 486 5.22 15.24 -35.85
C THR A 486 4.24 14.88 -34.75
N GLY A 487 4.50 15.22 -33.49
CA GLY A 487 3.72 14.69 -32.41
C GLY A 487 4.02 13.24 -32.08
N ASP A 488 5.12 12.72 -32.59
CA ASP A 488 5.54 11.33 -32.38
C ASP A 488 7.05 11.31 -32.16
N PRO A 489 7.54 10.91 -30.99
CA PRO A 489 8.99 10.93 -30.76
C PRO A 489 9.75 9.93 -31.61
N ASN A 490 9.08 8.95 -32.20
CA ASN A 490 9.77 7.93 -32.99
C ASN A 490 10.21 8.49 -34.33
N ASP A 491 11.38 8.06 -34.78
CA ASP A 491 11.90 8.53 -36.06
C ASP A 491 11.09 7.93 -37.20
N PRO A 492 10.67 8.73 -38.18
CA PRO A 492 9.75 8.21 -39.21
C PRO A 492 10.25 6.96 -39.92
N ARG A 493 11.56 6.84 -40.15
CA ARG A 493 12.14 5.71 -40.87
C ARG A 493 13.43 5.28 -40.17
N ASP A 494 13.27 4.67 -38.99
CA ASP A 494 14.40 4.12 -38.25
C ASP A 494 13.89 2.94 -37.42
N SER A 495 13.16 2.04 -38.08
CA SER A 495 12.47 0.96 -37.38
C SER A 495 13.42 -0.02 -36.70
N LYS A 496 14.73 0.04 -36.99
CA LYS A 496 15.67 -0.81 -36.28
C LYS A 496 15.60 -0.58 -34.78
N SER A 497 15.60 0.69 -34.37
CA SER A 497 15.52 1.01 -32.95
C SER A 497 14.14 0.64 -32.40
N PRO A 498 14.05 0.25 -31.13
CA PRO A 498 12.75 -0.09 -30.56
C PRO A 498 11.84 1.12 -30.48
N GLN A 499 10.54 0.87 -30.54
CA GLN A 499 9.54 1.92 -30.64
C GLN A 499 9.11 2.41 -29.26
N TRP A 500 8.62 3.65 -29.23
CA TRP A 500 8.10 4.30 -28.04
C TRP A 500 6.58 4.30 -28.13
N PRO A 501 5.88 3.41 -27.42
CA PRO A 501 4.42 3.35 -27.56
C PRO A 501 3.74 4.46 -26.79
N PRO A 502 2.57 4.92 -27.23
CA PRO A 502 1.84 5.92 -26.46
C PRO A 502 1.36 5.36 -25.13
N TYR A 503 1.27 6.26 -24.14
CA TYR A 503 0.70 5.91 -22.85
C TYR A 503 -0.82 5.84 -22.97
N THR A 504 -1.41 4.76 -22.48
CA THR A 504 -2.85 4.55 -22.52
C THR A 504 -3.31 4.04 -21.16
N THR A 505 -4.58 4.28 -20.86
CA THR A 505 -5.14 3.83 -19.58
C THR A 505 -5.09 2.32 -19.45
N ALA A 506 -5.24 1.60 -20.58
CA ALA A 506 -5.29 0.14 -20.52
C ALA A 506 -3.91 -0.44 -20.21
N ALA A 507 -2.90 -0.06 -21.00
CA ALA A 507 -1.56 -0.65 -20.89
C ALA A 507 -0.60 0.18 -20.05
N GLN A 508 -0.79 1.50 -19.99
CA GLN A 508 0.03 2.37 -19.14
C GLN A 508 1.51 2.22 -19.46
N GLN A 509 1.85 2.27 -20.74
CA GLN A 509 3.21 2.02 -21.19
C GLN A 509 4.04 3.31 -21.18
N TYR A 510 5.26 3.23 -20.65
CA TYR A 510 6.23 4.30 -20.71
C TYR A 510 7.58 3.69 -21.00
N VAL A 511 8.56 4.54 -21.32
CA VAL A 511 9.90 4.07 -21.67
C VAL A 511 10.90 4.64 -20.68
N SER A 512 12.01 3.90 -20.52
CA SER A 512 13.14 4.36 -19.72
C SER A 512 14.16 5.01 -20.65
N LEU A 513 14.63 6.20 -20.26
CA LEU A 513 15.66 6.91 -21.01
C LEU A 513 16.98 6.77 -20.26
N ASN A 514 17.89 5.97 -20.81
CA ASN A 514 19.23 5.81 -20.26
C ASN A 514 20.16 5.44 -21.41
N LEU A 515 21.37 4.97 -21.06
CA LEU A 515 22.37 4.67 -22.08
C LEU A 515 22.02 3.43 -22.89
N LYS A 516 21.13 2.58 -22.39
CA LYS A 516 20.68 1.42 -23.14
C LYS A 516 19.55 1.82 -24.08
N PRO A 517 19.22 0.97 -25.05
CA PRO A 517 18.07 1.26 -25.93
C PRO A 517 16.78 1.35 -25.12
N LEU A 518 15.76 1.93 -25.75
CA LEU A 518 14.48 2.12 -25.08
C LEU A 518 13.97 0.79 -24.53
N GLU A 519 13.49 0.83 -23.29
CA GLU A 519 12.82 -0.30 -22.66
C GLU A 519 11.39 0.14 -22.33
N VAL A 520 10.41 -0.66 -22.73
CA VAL A 520 9.02 -0.38 -22.45
C VAL A 520 8.66 -0.95 -21.08
N ARG A 521 8.00 -0.15 -20.26
CA ARG A 521 7.54 -0.56 -18.94
C ARG A 521 6.08 -0.18 -18.79
N ARG A 522 5.41 -0.80 -17.82
CA ARG A 522 3.99 -0.59 -17.60
C ARG A 522 3.75 -0.11 -16.19
N GLY A 523 2.94 0.93 -16.06
CA GLY A 523 2.53 1.43 -14.76
C GLY A 523 3.51 2.41 -14.15
N LEU A 524 3.11 3.68 -14.07
CA LEU A 524 3.92 4.72 -13.43
C LEU A 524 3.61 4.69 -11.94
N ARG A 525 4.37 3.91 -11.19
CA ARG A 525 4.13 3.70 -9.77
C ARG A 525 2.63 3.54 -9.52
N ALA A 526 2.04 2.58 -10.25
CA ALA A 526 0.58 2.44 -10.24
C ALA A 526 0.07 2.20 -8.83
N GLN A 527 0.69 1.27 -8.10
CA GLN A 527 0.23 0.95 -6.76
C GLN A 527 0.34 2.16 -5.83
N THR A 528 1.52 2.78 -5.78
CA THR A 528 1.74 3.89 -4.88
C THR A 528 0.90 5.10 -5.26
N CYS A 529 0.72 5.37 -6.55
CA CYS A 529 -0.02 6.55 -6.94
C CYS A 529 -1.53 6.39 -6.76
N ALA A 530 -2.02 5.16 -6.60
CA ALA A 530 -3.39 4.97 -6.15
C ALA A 530 -3.55 5.50 -4.73
N PHE A 531 -2.52 5.33 -3.90
CA PHE A 531 -2.56 5.87 -2.54
C PHE A 531 -2.65 7.40 -2.57
N TRP A 532 -1.79 8.04 -3.36
CA TRP A 532 -1.73 9.50 -3.36
C TRP A 532 -2.93 10.12 -4.07
N ASN A 533 -3.38 9.51 -5.17
CA ASN A 533 -4.35 10.15 -6.05
C ASN A 533 -5.79 9.69 -5.84
N ARG A 534 -6.00 8.53 -5.23
CA ARG A 534 -7.34 8.02 -5.01
C ARG A 534 -7.73 7.97 -3.54
N PHE A 535 -6.85 7.48 -2.67
CA PHE A 535 -7.22 7.32 -1.27
C PHE A 535 -7.02 8.61 -0.48
N LEU A 536 -5.82 9.18 -0.53
CA LEU A 536 -5.50 10.28 0.37
C LEU A 536 -6.45 11.47 0.23
N PRO A 537 -6.97 11.81 -0.95
CA PRO A 537 -8.01 12.85 -1.00
C PRO A 537 -9.22 12.51 -0.15
N LYS A 538 -9.71 11.27 -0.24
CA LYS A 538 -10.84 10.86 0.58
C LYS A 538 -10.52 10.99 2.07
N LEU A 539 -9.29 10.66 2.46
CA LEU A 539 -8.92 10.69 3.87
C LEU A 539 -8.88 12.12 4.39
N LEU A 540 -8.18 13.01 3.68
CA LEU A 540 -8.03 14.37 4.16
C LEU A 540 -9.37 15.08 4.33
N SER A 541 -10.34 14.77 3.48
CA SER A 541 -11.67 15.35 3.60
C SER A 541 -12.53 14.59 4.59
N ALA A 542 -12.01 14.38 5.78
CA ALA A 542 -12.72 13.66 6.83
C ALA A 542 -11.97 13.75 8.15
N GLU B 4 -9.73 -61.62 28.03
CA GLU B 4 -9.81 -60.25 27.54
C GLU B 4 -8.43 -59.61 27.47
N ASP B 5 -8.24 -58.68 26.55
CA ASP B 5 -6.94 -58.05 26.34
C ASP B 5 -6.63 -57.10 27.50
N PRO B 6 -5.53 -57.30 28.23
CA PRO B 6 -5.22 -56.38 29.34
C PRO B 6 -4.65 -55.05 28.89
N GLN B 7 -4.07 -54.97 27.69
CA GLN B 7 -3.61 -53.68 27.17
C GLN B 7 -4.78 -52.72 26.97
N LEU B 8 -6.00 -53.24 26.84
CA LEU B 8 -7.17 -52.42 26.58
C LEU B 8 -7.99 -52.13 27.83
N LEU B 9 -7.53 -52.59 28.99
CA LEU B 9 -8.19 -52.31 30.27
C LEU B 9 -7.41 -51.27 31.03
N VAL B 10 -8.09 -50.20 31.44
CA VAL B 10 -7.47 -49.06 32.11
C VAL B 10 -8.37 -48.61 33.26
N ARG B 11 -7.75 -48.29 34.39
CA ARG B 11 -8.47 -47.71 35.53
C ARG B 11 -8.14 -46.23 35.61
N VAL B 12 -9.16 -45.39 35.47
CA VAL B 12 -9.02 -43.96 35.69
C VAL B 12 -9.74 -43.64 37.00
N ARG B 13 -9.67 -42.37 37.42
CA ARG B 13 -10.24 -42.00 38.71
C ARG B 13 -11.73 -42.27 38.79
N GLY B 14 -12.42 -42.33 37.65
CA GLY B 14 -13.85 -42.57 37.64
C GLY B 14 -14.23 -44.04 37.69
N GLY B 15 -13.33 -44.90 37.25
CA GLY B 15 -13.61 -46.33 37.19
C GLY B 15 -12.80 -46.97 36.08
N GLN B 16 -13.19 -48.21 35.75
CA GLN B 16 -12.50 -49.00 34.73
C GLN B 16 -13.03 -48.68 33.35
N LEU B 17 -12.12 -48.64 32.38
CA LEU B 17 -12.45 -48.47 30.97
C LEU B 17 -11.96 -49.66 30.18
N ARG B 18 -12.66 -49.98 29.10
CA ARG B 18 -12.22 -50.96 28.12
C ARG B 18 -12.09 -50.27 26.78
N GLY B 19 -10.88 -50.22 26.24
CA GLY B 19 -10.62 -49.67 24.93
C GLY B 19 -10.77 -50.70 23.83
N ILE B 20 -10.18 -50.40 22.69
CA ILE B 20 -10.28 -51.26 21.52
C ILE B 20 -8.96 -51.21 20.75
N ARG B 21 -8.51 -52.37 20.29
CA ARG B 21 -7.31 -52.44 19.46
C ARG B 21 -7.68 -52.10 18.02
N LEU B 22 -7.15 -50.99 17.53
CA LEU B 22 -7.37 -50.56 16.17
C LEU B 22 -6.15 -50.87 15.31
N LYS B 23 -6.36 -51.01 14.01
CA LYS B 23 -5.27 -51.31 13.09
C LYS B 23 -4.89 -50.05 12.33
N ALA B 24 -3.64 -49.65 12.48
CA ALA B 24 -3.00 -48.64 11.66
C ALA B 24 -2.16 -49.31 10.58
N PRO B 25 -1.76 -48.56 9.55
CA PRO B 25 -0.97 -49.19 8.48
C PRO B 25 0.24 -49.97 8.96
N GLY B 26 0.97 -49.44 9.94
CA GLY B 26 2.19 -50.07 10.40
C GLY B 26 2.04 -51.00 11.58
N GLY B 27 0.85 -51.08 12.18
CA GLY B 27 0.64 -51.92 13.33
C GLY B 27 -0.56 -51.48 14.15
N PRO B 28 -0.83 -52.16 15.25
CA PRO B 28 -2.00 -51.84 16.06
C PRO B 28 -1.76 -50.65 16.99
N VAL B 29 -2.87 -50.04 17.39
CA VAL B 29 -2.88 -48.99 18.40
C VAL B 29 -4.03 -49.27 19.36
N SER B 30 -3.93 -48.67 20.55
CA SER B 30 -4.98 -48.76 21.55
C SER B 30 -5.81 -47.48 21.51
N ALA B 31 -7.12 -47.63 21.35
CA ALA B 31 -8.03 -46.50 21.27
C ALA B 31 -9.07 -46.61 22.38
N PHE B 32 -9.23 -45.53 23.14
CA PHE B 32 -10.22 -45.43 24.20
C PHE B 32 -11.14 -44.27 23.83
N LEU B 33 -12.27 -44.59 23.21
CA LEU B 33 -13.14 -43.60 22.60
C LEU B 33 -14.40 -43.40 23.44
N GLY B 34 -14.84 -42.15 23.53
CA GLY B 34 -16.08 -41.84 24.23
C GLY B 34 -15.98 -41.91 25.74
N ILE B 35 -14.88 -41.43 26.31
CA ILE B 35 -14.72 -41.39 27.75
C ILE B 35 -15.45 -40.16 28.31
N PRO B 36 -16.38 -40.32 29.24
CA PRO B 36 -17.03 -39.13 29.83
C PRO B 36 -16.08 -38.40 30.76
N PHE B 37 -15.95 -37.09 30.55
CA PHE B 37 -15.19 -36.24 31.45
C PHE B 37 -16.04 -35.23 32.19
N ALA B 38 -17.35 -35.22 31.93
CA ALA B 38 -18.24 -34.28 32.59
C ALA B 38 -19.61 -34.91 32.72
N GLU B 39 -20.40 -34.37 33.65
CA GLU B 39 -21.81 -34.71 33.71
C GLU B 39 -22.52 -34.16 32.48
N PRO B 40 -23.46 -34.89 31.91
CA PRO B 40 -24.19 -34.39 30.73
C PRO B 40 -24.77 -33.02 30.99
N PRO B 41 -24.42 -32.02 30.17
CA PRO B 41 -24.92 -30.65 30.38
C PRO B 41 -26.33 -30.44 29.83
N VAL B 42 -27.28 -31.20 30.36
CA VAL B 42 -28.63 -31.23 29.83
C VAL B 42 -29.60 -30.66 30.85
N GLY B 43 -30.79 -30.29 30.37
CA GLY B 43 -31.82 -29.76 31.24
C GLY B 43 -31.42 -28.44 31.86
N SER B 44 -31.39 -28.40 33.20
CA SER B 44 -31.04 -27.19 33.92
C SER B 44 -29.55 -26.87 33.83
N ARG B 45 -28.72 -27.79 33.33
CA ARG B 45 -27.30 -27.56 33.16
C ARG B 45 -26.97 -26.94 31.80
N ARG B 46 -27.98 -26.72 30.95
CA ARG B 46 -27.74 -26.03 29.69
C ARG B 46 -27.27 -24.60 29.96
N PHE B 47 -26.23 -24.19 29.25
CA PHE B 47 -25.59 -22.88 29.36
C PHE B 47 -24.72 -22.78 30.62
N MET B 48 -24.66 -23.82 31.46
CA MET B 48 -23.95 -23.77 32.73
C MET B 48 -22.54 -24.35 32.59
N PRO B 49 -21.62 -23.95 33.46
CA PRO B 49 -20.29 -24.55 33.44
C PRO B 49 -20.38 -26.06 33.63
N PRO B 50 -19.40 -26.80 33.12
CA PRO B 50 -19.44 -28.25 33.28
C PRO B 50 -19.05 -28.69 34.68
N GLU B 51 -19.57 -29.85 35.07
CA GLU B 51 -19.23 -30.47 36.33
C GLU B 51 -18.50 -31.79 36.09
N PRO B 52 -17.54 -32.16 36.95
CA PRO B 52 -16.83 -33.42 36.74
C PRO B 52 -17.76 -34.62 36.69
N LYS B 53 -17.39 -35.60 35.87
CA LYS B 53 -18.17 -36.82 35.73
C LYS B 53 -18.13 -37.62 37.03
N ARG B 54 -19.31 -38.08 37.47
CA ARG B 54 -19.37 -38.90 38.67
C ARG B 54 -18.77 -40.27 38.40
N PRO B 55 -18.23 -40.94 39.42
CA PRO B 55 -17.71 -42.30 39.23
C PRO B 55 -18.79 -43.24 38.72
N TRP B 56 -18.35 -44.32 38.08
CA TRP B 56 -19.24 -45.33 37.53
C TRP B 56 -18.80 -46.71 37.99
N SER B 57 -19.75 -47.64 37.97
CA SER B 57 -19.50 -49.02 38.35
C SER B 57 -19.12 -49.86 37.15
N GLY B 58 -18.47 -51.00 37.43
CA GLY B 58 -18.11 -51.93 36.38
C GLY B 58 -17.10 -51.35 35.41
N VAL B 59 -17.05 -51.97 34.22
CA VAL B 59 -16.16 -51.55 33.15
C VAL B 59 -16.99 -50.75 32.15
N LEU B 60 -16.62 -49.49 31.95
CA LEU B 60 -17.29 -48.64 30.97
C LEU B 60 -16.73 -48.92 29.58
N ASP B 61 -17.61 -49.15 28.61
CA ASP B 61 -17.19 -49.45 27.25
C ASP B 61 -16.69 -48.19 26.56
N ALA B 62 -15.42 -48.20 26.17
CA ALA B 62 -14.82 -47.06 25.48
C ALA B 62 -14.28 -47.49 24.13
N THR B 63 -15.12 -48.13 23.32
CA THR B 63 -14.71 -48.69 22.04
C THR B 63 -15.29 -47.96 20.83
N THR B 64 -16.15 -46.96 21.06
CA THR B 64 -16.82 -46.26 19.97
C THR B 64 -16.91 -44.78 20.29
N PHE B 65 -16.94 -43.96 19.24
CA PHE B 65 -17.13 -42.53 19.42
C PHE B 65 -18.52 -42.26 20.00
N GLN B 66 -18.60 -41.21 20.83
CA GLN B 66 -19.86 -40.81 21.43
C GLN B 66 -20.53 -39.73 20.56
N ASN B 67 -21.67 -39.23 21.04
CA ASN B 67 -22.47 -38.29 20.26
C ASN B 67 -21.70 -37.00 20.00
N VAL B 68 -22.13 -36.29 18.95
CA VAL B 68 -21.59 -35.00 18.59
C VAL B 68 -22.41 -33.92 19.29
N CYS B 69 -21.73 -32.90 19.81
CA CYS B 69 -22.43 -31.80 20.45
C CYS B 69 -23.41 -31.16 19.47
N TYR B 70 -24.61 -30.87 19.95
CA TYR B 70 -25.67 -30.40 19.07
C TYR B 70 -25.24 -29.13 18.35
N GLN B 71 -25.49 -29.08 17.04
CA GLN B 71 -24.91 -28.03 16.21
C GLN B 71 -25.64 -27.98 14.88
N TYR B 72 -25.45 -26.85 14.19
CA TYR B 72 -25.97 -26.69 12.84
C TYR B 72 -25.26 -27.65 11.89
N VAL B 73 -26.02 -28.17 10.92
CA VAL B 73 -25.50 -29.10 9.92
C VAL B 73 -25.48 -28.39 8.57
N ASP B 74 -24.34 -28.42 7.90
CA ASP B 74 -24.18 -27.71 6.64
C ASP B 74 -25.02 -28.35 5.54
N THR B 75 -25.69 -27.50 4.75
CA THR B 75 -26.50 -27.97 3.63
C THR B 75 -26.20 -27.18 2.36
N LEU B 76 -25.06 -26.48 2.31
CA LEU B 76 -24.72 -25.71 1.13
C LEU B 76 -24.60 -26.62 -0.10
N TYR B 77 -23.80 -27.67 0.01
CA TYR B 77 -23.57 -28.62 -1.07
C TYR B 77 -23.90 -30.02 -0.57
N PRO B 78 -25.18 -30.38 -0.55
CA PRO B 78 -25.57 -31.69 0.01
C PRO B 78 -24.88 -32.83 -0.72
N GLY B 79 -24.27 -33.73 0.05
CA GLY B 79 -23.61 -34.90 -0.49
C GLY B 79 -22.21 -34.66 -1.02
N PHE B 80 -21.74 -33.42 -1.01
CA PHE B 80 -20.41 -33.10 -1.52
C PHE B 80 -19.36 -33.43 -0.47
N GLU B 81 -18.35 -34.21 -0.87
CA GLU B 81 -17.31 -34.62 0.07
C GLU B 81 -16.64 -33.43 0.75
N GLY B 82 -16.44 -32.33 0.00
CA GLY B 82 -15.69 -31.22 0.54
C GLY B 82 -16.33 -30.56 1.74
N THR B 83 -17.66 -30.54 1.80
CA THR B 83 -18.39 -30.01 2.94
C THR B 83 -18.80 -31.09 3.92
N GLU B 84 -19.16 -32.28 3.42
CA GLU B 84 -19.66 -33.33 4.30
C GLU B 84 -18.57 -33.87 5.22
N MET B 85 -17.31 -33.79 4.80
CA MET B 85 -16.22 -34.27 5.64
C MET B 85 -16.13 -33.52 6.96
N TRP B 86 -16.77 -32.36 7.06
CA TRP B 86 -16.78 -31.58 8.29
C TRP B 86 -18.08 -31.71 9.08
N ASN B 87 -19.11 -32.32 8.50
CA ASN B 87 -20.40 -32.44 9.16
C ASN B 87 -20.37 -33.52 10.22
N PRO B 88 -21.31 -33.51 11.16
CA PRO B 88 -21.33 -34.54 12.21
C PRO B 88 -21.44 -35.92 11.61
N ASN B 89 -20.60 -36.84 12.10
CA ASN B 89 -20.61 -38.23 11.67
C ASN B 89 -21.13 -39.16 12.76
N ARG B 90 -21.68 -38.61 13.84
CA ARG B 90 -22.42 -39.37 14.85
C ARG B 90 -23.69 -38.60 15.19
N GLU B 91 -24.55 -39.23 15.95
CA GLU B 91 -25.82 -38.60 16.31
C GLU B 91 -25.57 -37.32 17.11
N LEU B 92 -26.42 -36.32 16.90
CA LEU B 92 -26.34 -35.08 17.65
C LEU B 92 -26.99 -35.26 19.02
N SER B 93 -26.43 -34.56 20.00
CA SER B 93 -26.98 -34.61 21.36
C SER B 93 -26.32 -33.54 22.20
N GLU B 94 -27.08 -33.00 23.15
CA GLU B 94 -26.49 -32.14 24.17
C GLU B 94 -25.66 -32.93 25.16
N ASP B 95 -25.95 -34.23 25.30
CA ASP B 95 -25.11 -35.17 26.06
C ASP B 95 -23.94 -35.54 25.18
N CYS B 96 -22.88 -34.71 25.22
CA CYS B 96 -21.79 -34.85 24.26
C CYS B 96 -20.40 -34.65 24.85
N LEU B 97 -20.25 -34.48 26.16
CA LEU B 97 -18.96 -34.14 26.74
C LEU B 97 -18.18 -35.43 27.01
N TYR B 98 -17.53 -35.91 25.95
CA TYR B 98 -16.69 -37.10 25.98
C TYR B 98 -15.37 -36.80 25.28
N LEU B 99 -14.34 -37.56 25.64
CA LEU B 99 -13.03 -37.39 25.04
C LEU B 99 -12.49 -38.74 24.59
N ASN B 100 -11.45 -38.68 23.76
CA ASN B 100 -10.86 -39.86 23.13
C ASN B 100 -9.35 -39.86 23.37
N VAL B 101 -8.80 -41.08 23.49
CA VAL B 101 -7.38 -41.27 23.77
C VAL B 101 -6.85 -42.34 22.83
N TRP B 102 -5.81 -42.01 22.08
CA TRP B 102 -5.06 -42.98 21.29
C TRP B 102 -3.68 -43.14 21.90
N THR B 103 -3.20 -44.37 21.99
CA THR B 103 -1.87 -44.67 22.47
C THR B 103 -1.29 -45.80 21.62
N PRO B 104 0.12 -46.10 21.50
CA PRO B 104 1.02 -47.31 20.74
C PRO B 104 0.48 -48.56 21.44
N TYR B 105 0.32 -49.65 20.72
CA TYR B 105 -0.10 -50.95 21.28
C TYR B 105 1.14 -51.85 21.29
N PRO B 106 1.85 -52.26 22.38
CA PRO B 106 1.40 -52.23 23.77
C PRO B 106 1.50 -50.79 24.30
N ARG B 107 0.93 -50.56 25.48
CA ARG B 107 0.92 -49.23 26.17
C ARG B 107 2.34 -48.69 26.28
N PRO B 108 2.58 -47.36 26.38
CA PRO B 108 3.94 -46.86 26.49
C PRO B 108 4.65 -47.33 27.76
N ALA B 109 5.90 -47.80 27.65
CA ALA B 109 6.69 -48.31 28.79
C ALA B 109 7.14 -47.15 29.68
N SER B 110 7.40 -45.98 29.10
CA SER B 110 7.82 -44.81 29.85
C SER B 110 6.85 -43.66 29.59
N PRO B 111 6.84 -42.64 30.45
CA PRO B 111 5.93 -41.50 30.25
C PRO B 111 6.16 -40.84 28.90
N THR B 112 5.07 -40.65 28.15
CA THR B 112 5.11 -40.18 26.78
C THR B 112 4.47 -38.81 26.64
N PRO B 113 5.05 -37.91 25.84
CA PRO B 113 4.41 -36.61 25.63
C PRO B 113 3.01 -36.77 25.07
N VAL B 114 2.13 -35.85 25.47
CA VAL B 114 0.71 -35.90 25.13
C VAL B 114 0.40 -34.76 24.18
N LEU B 115 -0.35 -35.08 23.11
CA LEU B 115 -0.88 -34.09 22.18
C LEU B 115 -2.39 -34.03 22.37
N ILE B 116 -2.93 -32.86 22.65
CA ILE B 116 -4.35 -32.65 22.86
C ILE B 116 -4.90 -31.82 21.71
N TRP B 117 -5.82 -32.40 20.94
CA TRP B 117 -6.41 -31.73 19.79
C TRP B 117 -7.70 -31.02 20.19
N ILE B 118 -7.85 -29.78 19.72
CA ILE B 118 -9.07 -29.00 19.89
C ILE B 118 -9.57 -28.66 18.49
N TYR B 119 -10.70 -29.25 18.10
CA TYR B 119 -11.21 -29.04 16.76
C TYR B 119 -11.76 -27.62 16.61
N GLY B 120 -11.85 -27.19 15.35
CA GLY B 120 -12.45 -25.92 15.00
C GLY B 120 -13.84 -26.08 14.43
N GLY B 121 -14.32 -24.98 13.84
CA GLY B 121 -15.66 -24.93 13.29
C GLY B 121 -16.41 -23.68 13.69
N GLY B 122 -15.68 -22.56 13.76
CA GLY B 122 -16.30 -21.27 14.03
C GLY B 122 -17.01 -21.17 15.37
N PHE B 123 -16.70 -22.06 16.31
CA PHE B 123 -17.34 -22.15 17.62
C PHE B 123 -18.80 -22.55 17.54
N TYR B 124 -19.29 -22.95 16.37
CA TYR B 124 -20.67 -23.38 16.19
C TYR B 124 -20.81 -24.80 15.64
N SER B 125 -19.70 -25.47 15.36
CA SER B 125 -19.73 -26.79 14.73
C SER B 125 -18.42 -27.51 15.07
N GLY B 126 -18.34 -28.76 14.64
CA GLY B 126 -17.14 -29.56 14.81
C GLY B 126 -17.38 -30.74 15.75
N ALA B 127 -16.49 -31.72 15.65
CA ALA B 127 -16.54 -32.90 16.50
C ALA B 127 -15.18 -33.59 16.48
N ALA B 128 -14.85 -34.25 17.59
CA ALA B 128 -13.58 -34.96 17.70
C ALA B 128 -13.58 -36.30 16.97
N SER B 129 -14.74 -36.76 16.50
CA SER B 129 -14.85 -38.06 15.85
C SER B 129 -14.65 -37.99 14.34
N LEU B 130 -14.41 -36.81 13.78
CA LEU B 130 -14.23 -36.70 12.34
C LEU B 130 -13.01 -37.51 11.89
N ASP B 131 -13.11 -38.06 10.67
CA ASP B 131 -12.04 -38.92 10.16
C ASP B 131 -10.70 -38.18 10.06
N VAL B 132 -10.73 -36.86 9.81
CA VAL B 132 -9.48 -36.13 9.66
C VAL B 132 -8.76 -35.93 10.99
N TYR B 133 -9.45 -36.15 12.11
CA TYR B 133 -8.84 -36.05 13.44
C TYR B 133 -8.44 -37.40 13.99
N ASP B 134 -8.33 -38.42 13.14
CA ASP B 134 -8.01 -39.77 13.57
C ASP B 134 -6.61 -39.85 14.18
N GLY B 135 -6.53 -40.13 15.48
CA GLY B 135 -5.25 -40.21 16.17
C GLY B 135 -4.45 -41.47 15.89
N ARG B 136 -5.04 -42.42 15.16
CA ARG B 136 -4.38 -43.66 14.74
C ARG B 136 -2.90 -43.49 14.44
N PHE B 137 -2.58 -42.63 13.47
CA PHE B 137 -1.26 -42.66 12.86
C PHE B 137 -0.21 -42.00 13.75
N LEU B 138 -0.54 -40.87 14.37
CA LEU B 138 0.41 -40.21 15.26
C LEU B 138 0.79 -41.15 16.41
N ALA B 139 -0.17 -41.91 16.93
CA ALA B 139 0.12 -42.85 18.01
C ALA B 139 1.01 -43.98 17.52
N GLN B 140 0.72 -44.53 16.35
CA GLN B 140 1.47 -45.69 15.86
C GLN B 140 2.85 -45.28 15.34
N VAL B 141 2.92 -44.22 14.53
CA VAL B 141 4.17 -43.90 13.84
C VAL B 141 5.11 -43.16 14.77
N GLU B 142 4.61 -42.16 15.50
CA GLU B 142 5.43 -41.34 16.38
C GLU B 142 5.32 -41.74 17.84
N GLY B 143 4.57 -42.79 18.14
CA GLY B 143 4.46 -43.25 19.52
C GLY B 143 3.83 -42.25 20.46
N ALA B 144 3.01 -41.35 19.95
CA ALA B 144 2.42 -40.29 20.77
C ALA B 144 1.16 -40.79 21.48
N VAL B 145 0.85 -40.14 22.58
CA VAL B 145 -0.45 -40.27 23.24
C VAL B 145 -1.26 -39.07 22.80
N LEU B 146 -2.31 -39.31 22.01
CA LEU B 146 -3.14 -38.26 21.45
C LEU B 146 -4.50 -38.25 22.14
N VAL B 147 -4.97 -37.05 22.46
CA VAL B 147 -6.25 -36.84 23.14
C VAL B 147 -7.05 -35.80 22.37
N SER B 148 -8.36 -36.04 22.26
CA SER B 148 -9.27 -35.07 21.67
C SER B 148 -10.58 -35.11 22.44
N MET B 149 -11.18 -33.94 22.64
CA MET B 149 -12.41 -33.84 23.40
C MET B 149 -13.50 -33.15 22.58
N ASN B 150 -14.74 -33.47 22.91
CA ASN B 150 -15.88 -32.70 22.46
C ASN B 150 -16.10 -31.55 23.42
N TYR B 151 -16.45 -30.39 22.87
CA TYR B 151 -16.84 -29.24 23.68
C TYR B 151 -18.09 -28.62 23.06
N ARG B 152 -18.92 -28.04 23.92
CA ARG B 152 -20.18 -27.47 23.44
C ARG B 152 -19.94 -26.31 22.50
N VAL B 153 -20.73 -26.24 21.44
CA VAL B 153 -20.62 -25.20 20.43
C VAL B 153 -21.95 -24.47 20.32
N GLY B 154 -21.93 -23.37 19.57
CA GLY B 154 -23.13 -22.59 19.34
C GLY B 154 -23.69 -22.01 20.63
N THR B 155 -25.01 -21.85 20.65
CA THR B 155 -25.67 -21.34 21.84
C THR B 155 -25.33 -22.18 23.06
N PHE B 156 -25.28 -23.51 22.89
CA PHE B 156 -25.07 -24.39 24.03
C PHE B 156 -23.72 -24.18 24.68
N GLY B 157 -22.74 -23.70 23.91
CA GLY B 157 -21.39 -23.54 24.42
C GLY B 157 -21.01 -22.10 24.72
N PHE B 158 -21.69 -21.14 24.11
CA PHE B 158 -21.24 -19.76 24.19
C PHE B 158 -22.34 -18.71 24.28
N LEU B 159 -23.61 -19.11 24.34
CA LEU B 159 -24.65 -18.13 24.66
C LEU B 159 -24.40 -17.58 26.05
N ALA B 160 -24.37 -16.26 26.17
CA ALA B 160 -23.96 -15.62 27.42
C ALA B 160 -24.85 -14.41 27.71
N LEU B 161 -25.31 -14.32 28.96
CA LEU B 161 -25.84 -13.08 29.50
C LEU B 161 -24.85 -12.62 30.56
N PRO B 162 -23.81 -11.89 30.18
CA PRO B 162 -22.69 -11.64 31.09
C PRO B 162 -23.14 -11.06 32.42
N GLY B 163 -22.57 -11.58 33.50
CA GLY B 163 -22.93 -11.20 34.85
C GLY B 163 -23.97 -12.10 35.49
N SER B 164 -24.76 -12.80 34.69
CA SER B 164 -25.77 -13.71 35.24
C SER B 164 -25.12 -14.97 35.79
N ARG B 165 -25.84 -15.65 36.67
CA ARG B 165 -25.35 -16.91 37.23
C ARG B 165 -25.65 -18.08 36.30
N GLU B 166 -26.75 -18.01 35.55
CA GLU B 166 -27.24 -19.16 34.80
C GLU B 166 -26.74 -19.21 33.36
N ALA B 167 -26.08 -18.16 32.87
CA ALA B 167 -25.47 -18.17 31.54
C ALA B 167 -24.27 -17.23 31.55
N PRO B 168 -23.20 -17.63 32.25
CA PRO B 168 -22.06 -16.72 32.39
C PRO B 168 -21.20 -16.60 31.14
N GLY B 169 -21.33 -17.51 30.20
CA GLY B 169 -20.55 -17.48 28.98
C GLY B 169 -19.32 -18.37 29.06
N ASN B 170 -18.74 -18.63 27.88
CA ASN B 170 -17.46 -19.35 27.75
C ASN B 170 -17.51 -20.76 28.32
N VAL B 171 -18.71 -21.35 28.47
CA VAL B 171 -18.76 -22.69 29.04
C VAL B 171 -18.14 -23.71 28.09
N GLY B 172 -18.19 -23.45 26.79
CA GLY B 172 -17.51 -24.33 25.85
C GLY B 172 -16.02 -24.39 26.07
N LEU B 173 -15.41 -23.24 26.40
CA LEU B 173 -14.00 -23.24 26.78
C LEU B 173 -13.78 -23.93 28.12
N LEU B 174 -14.74 -23.79 29.04
CA LEU B 174 -14.63 -24.52 30.31
C LEU B 174 -14.74 -26.02 30.08
N ASP B 175 -15.50 -26.46 29.07
CA ASP B 175 -15.50 -27.86 28.71
C ASP B 175 -14.09 -28.32 28.32
N GLN B 176 -13.43 -27.53 27.48
CA GLN B 176 -12.05 -27.85 27.09
C GLN B 176 -11.15 -27.91 28.32
N ARG B 177 -11.26 -26.92 29.20
CA ARG B 177 -10.39 -26.87 30.37
C ARG B 177 -10.63 -28.08 31.28
N LEU B 178 -11.88 -28.49 31.45
CA LEU B 178 -12.17 -29.66 32.27
C LEU B 178 -11.52 -30.90 31.67
N ALA B 179 -11.54 -31.02 30.34
CA ALA B 179 -10.87 -32.14 29.70
C ALA B 179 -9.36 -32.08 29.92
N LEU B 180 -8.79 -30.87 29.88
CA LEU B 180 -7.38 -30.71 30.18
C LEU B 180 -7.07 -31.18 31.60
N GLN B 181 -7.93 -30.82 32.56
CA GLN B 181 -7.76 -31.30 33.92
C GLN B 181 -7.86 -32.82 33.99
N TRP B 182 -8.80 -33.40 33.25
CA TRP B 182 -8.91 -34.85 33.20
C TRP B 182 -7.60 -35.48 32.74
N VAL B 183 -6.94 -34.88 31.75
CA VAL B 183 -5.68 -35.42 31.25
C VAL B 183 -4.62 -35.38 32.35
N GLN B 184 -4.54 -34.25 33.06
CA GLN B 184 -3.59 -34.16 34.17
C GLN B 184 -3.82 -35.25 35.19
N GLU B 185 -5.09 -35.57 35.47
CA GLU B 185 -5.43 -36.49 36.55
C GLU B 185 -5.30 -37.95 36.13
N ASN B 186 -5.46 -38.25 34.84
CA ASN B 186 -5.67 -39.63 34.41
C ASN B 186 -4.73 -40.12 33.31
N ILE B 187 -4.10 -39.22 32.53
CA ILE B 187 -3.40 -39.67 31.34
C ILE B 187 -2.22 -40.57 31.67
N ALA B 188 -1.67 -40.47 32.88
CA ALA B 188 -0.57 -41.35 33.25
C ALA B 188 -0.99 -42.82 33.26
N ALA B 189 -2.28 -43.09 33.50
CA ALA B 189 -2.76 -44.46 33.45
C ALA B 189 -2.69 -45.04 32.04
N PHE B 190 -2.59 -44.19 31.02
CA PHE B 190 -2.47 -44.62 29.64
C PHE B 190 -1.02 -44.63 29.16
N GLY B 191 -0.08 -44.27 30.03
CA GLY B 191 1.31 -44.11 29.63
C GLY B 191 1.68 -42.71 29.20
N GLY B 192 0.79 -41.73 29.38
CA GLY B 192 1.08 -40.37 29.01
C GLY B 192 1.82 -39.62 30.10
N ASP B 193 2.54 -38.58 29.69
CA ASP B 193 3.31 -37.75 30.62
C ASP B 193 2.56 -36.45 30.87
N PRO B 194 1.86 -36.31 32.01
CA PRO B 194 1.12 -35.07 32.26
C PRO B 194 2.01 -33.85 32.45
N MET B 195 3.32 -34.03 32.58
CA MET B 195 4.26 -32.92 32.65
C MET B 195 4.78 -32.50 31.29
N SER B 196 4.24 -33.08 30.20
CA SER B 196 4.56 -32.68 28.83
C SER B 196 3.29 -32.82 28.01
N VAL B 197 2.46 -31.77 28.04
CA VAL B 197 1.21 -31.72 27.30
C VAL B 197 1.28 -30.58 26.31
N THR B 198 0.95 -30.88 25.05
CA THR B 198 0.95 -29.89 23.97
C THR B 198 -0.45 -29.78 23.41
N LEU B 199 -1.01 -28.57 23.44
CA LEU B 199 -2.29 -28.30 22.80
C LEU B 199 -2.06 -27.95 21.34
N PHE B 200 -2.89 -28.50 20.45
CA PHE B 200 -2.91 -28.04 19.08
C PHE B 200 -4.34 -28.06 18.55
N GLY B 201 -4.65 -27.10 17.70
CA GLY B 201 -5.99 -26.93 17.17
C GLY B 201 -5.96 -26.04 15.94
N GLU B 202 -7.09 -26.03 15.23
CA GLU B 202 -7.20 -25.32 13.97
C GLU B 202 -8.47 -24.48 13.97
N SER B 203 -8.38 -23.33 13.29
CA SER B 203 -9.51 -22.39 13.16
C SER B 203 -9.97 -22.04 14.57
N ALA B 204 -11.26 -22.16 14.90
CA ALA B 204 -11.71 -21.86 16.25
C ALA B 204 -10.96 -22.68 17.30
N GLY B 205 -10.49 -23.88 16.93
CA GLY B 205 -9.68 -24.65 17.85
C GLY B 205 -8.38 -23.96 18.20
N ALA B 206 -7.73 -23.35 17.20
CA ALA B 206 -6.52 -22.57 17.46
C ALA B 206 -6.82 -21.35 18.32
N ALA B 207 -7.93 -20.67 18.04
CA ALA B 207 -8.34 -19.57 18.89
C ALA B 207 -8.57 -20.05 20.32
N SER B 208 -9.16 -21.24 20.47
CA SER B 208 -9.34 -21.82 21.80
C SER B 208 -7.99 -22.03 22.49
N VAL B 209 -7.04 -22.65 21.77
CA VAL B 209 -5.70 -22.82 22.32
C VAL B 209 -5.14 -21.50 22.81
N GLY B 210 -5.31 -20.44 21.99
CA GLY B 210 -4.78 -19.14 22.38
C GLY B 210 -5.43 -18.60 23.64
N MET B 211 -6.73 -18.84 23.81
CA MET B 211 -7.41 -18.34 25.00
C MET B 211 -6.96 -19.09 26.25
N HIS B 212 -6.59 -20.37 26.11
CA HIS B 212 -5.99 -21.07 27.24
C HIS B 212 -4.62 -20.49 27.57
N ILE B 213 -3.89 -19.98 26.57
CA ILE B 213 -2.64 -19.27 26.86
C ILE B 213 -2.93 -18.01 27.65
N LEU B 214 -4.04 -17.34 27.35
CA LEU B 214 -4.35 -16.05 27.94
C LEU B 214 -5.24 -16.14 29.18
N SER B 215 -5.56 -17.35 29.64
CA SER B 215 -6.37 -17.55 30.84
C SER B 215 -5.54 -18.29 31.88
N LEU B 216 -5.23 -17.60 32.98
CA LEU B 216 -4.31 -18.13 33.98
C LEU B 216 -4.67 -19.53 34.46
N PRO B 217 -5.92 -19.84 34.83
CA PRO B 217 -6.21 -21.18 35.34
C PRO B 217 -5.87 -22.30 34.36
N SER B 218 -5.84 -22.01 33.04
CA SER B 218 -5.49 -23.02 32.07
C SER B 218 -3.99 -23.27 31.98
N ARG B 219 -3.17 -22.28 32.36
CA ARG B 219 -1.73 -22.35 32.10
C ARG B 219 -1.05 -23.49 32.85
N SER B 220 -1.64 -23.96 33.95
CA SER B 220 -1.07 -25.07 34.69
C SER B 220 -1.39 -26.43 34.06
N LEU B 221 -2.11 -26.46 32.95
CA LEU B 221 -2.61 -27.70 32.37
C LEU B 221 -1.91 -28.08 31.07
N PHE B 222 -1.00 -27.26 30.57
CA PHE B 222 -0.26 -27.57 29.36
C PHE B 222 1.04 -26.79 29.38
N HIS B 223 1.94 -27.15 28.46
CA HIS B 223 3.28 -26.58 28.42
C HIS B 223 3.66 -26.00 27.06
N ARG B 224 3.00 -26.42 25.97
CA ARG B 224 3.31 -25.91 24.64
C ARG B 224 2.00 -25.84 23.86
N ALA B 225 2.03 -25.09 22.75
CA ALA B 225 0.81 -24.82 22.01
C ALA B 225 1.10 -24.70 20.52
N VAL B 226 0.15 -25.19 19.72
CA VAL B 226 0.18 -25.04 18.27
C VAL B 226 -1.13 -24.38 17.85
N LEU B 227 -1.04 -23.31 17.07
CA LEU B 227 -2.22 -22.60 16.58
C LEU B 227 -2.19 -22.63 15.06
N GLN B 228 -3.07 -23.44 14.47
CA GLN B 228 -3.15 -23.59 13.02
C GLN B 228 -4.29 -22.75 12.49
N SER B 229 -3.96 -21.70 11.74
CA SER B 229 -4.95 -20.91 11.01
C SER B 229 -6.04 -20.37 11.94
N GLY B 230 -5.62 -19.82 13.08
CA GLY B 230 -6.56 -19.24 14.01
C GLY B 230 -5.87 -18.61 15.22
N THR B 231 -6.52 -17.63 15.84
CA THR B 231 -5.93 -16.88 16.93
C THR B 231 -7.02 -16.37 17.85
N PRO B 232 -6.71 -16.14 19.13
CA PRO B 232 -7.72 -15.54 20.02
C PRO B 232 -7.99 -14.09 19.70
N ASN B 233 -6.96 -13.33 19.35
CA ASN B 233 -7.14 -12.01 18.79
C ASN B 233 -7.77 -12.13 17.39
N GLY B 234 -8.16 -11.00 16.84
CA GLY B 234 -8.79 -10.97 15.54
C GLY B 234 -10.26 -10.60 15.64
N PRO B 235 -10.92 -10.48 14.47
CA PRO B 235 -12.26 -9.89 14.43
C PRO B 235 -13.42 -10.85 14.61
N TRP B 236 -13.19 -12.15 14.77
CA TRP B 236 -14.27 -13.13 14.87
C TRP B 236 -14.24 -14.01 16.12
N ALA B 237 -13.10 -14.11 16.81
CA ALA B 237 -12.96 -15.11 17.87
C ALA B 237 -13.62 -14.70 19.18
N THR B 238 -13.85 -13.41 19.41
CA THR B 238 -14.44 -12.94 20.66
C THR B 238 -15.47 -11.87 20.38
N VAL B 239 -16.35 -11.66 21.35
CA VAL B 239 -17.30 -10.56 21.34
C VAL B 239 -17.28 -9.90 22.71
N SER B 240 -17.68 -8.64 22.74
CA SER B 240 -17.79 -7.92 24.00
C SER B 240 -18.98 -8.44 24.80
N ALA B 241 -19.00 -8.10 26.09
CA ALA B 241 -20.12 -8.50 26.94
C ALA B 241 -21.43 -7.91 26.43
N GLY B 242 -21.40 -6.65 25.99
CA GLY B 242 -22.61 -6.01 25.51
C GLY B 242 -23.16 -6.67 24.25
N GLU B 243 -22.27 -7.05 23.34
CA GLU B 243 -22.72 -7.68 22.09
C GLU B 243 -23.22 -9.10 22.36
N ALA B 244 -22.55 -9.85 23.22
CA ALA B 244 -23.04 -11.17 23.60
C ALA B 244 -24.42 -11.07 24.24
N ARG B 245 -24.62 -10.07 25.12
CA ARG B 245 -25.93 -9.87 25.71
C ARG B 245 -26.98 -9.53 24.65
N ARG B 246 -26.62 -8.67 23.70
CA ARG B 246 -27.56 -8.32 22.63
C ARG B 246 -27.95 -9.56 21.84
N ARG B 247 -26.98 -10.39 21.48
CA ARG B 247 -27.27 -11.55 20.64
C ARG B 247 -28.09 -12.58 21.39
N ALA B 248 -27.79 -12.79 22.68
CA ALA B 248 -28.57 -13.75 23.46
C ALA B 248 -30.00 -13.27 23.64
N THR B 249 -30.20 -11.98 23.88
CA THR B 249 -31.55 -11.45 24.06
C THR B 249 -32.33 -11.52 22.76
N LEU B 250 -31.68 -11.27 21.62
CA LEU B 250 -32.37 -11.33 20.35
C LEU B 250 -32.81 -12.77 20.03
N LEU B 251 -31.92 -13.74 20.24
CA LEU B 251 -32.30 -15.13 20.03
C LEU B 251 -33.49 -15.50 20.92
N ALA B 252 -33.47 -15.08 22.18
CA ALA B 252 -34.59 -15.35 23.07
C ALA B 252 -35.88 -14.77 22.51
N ARG B 253 -35.82 -13.53 22.01
CA ARG B 253 -36.99 -12.93 21.37
C ARG B 253 -37.46 -13.78 20.20
N LEU B 254 -36.53 -14.29 19.40
CA LEU B 254 -36.90 -15.02 18.19
C LEU B 254 -37.55 -16.36 18.52
N VAL B 255 -37.23 -16.94 19.68
CA VAL B 255 -37.83 -18.22 20.08
C VAL B 255 -38.95 -18.04 21.08
N GLY B 256 -39.40 -16.81 21.31
CA GLY B 256 -40.57 -16.57 22.13
C GLY B 256 -40.29 -16.39 23.61
N CYS B 257 -39.04 -16.08 24.00
CA CYS B 257 -38.70 -15.84 25.39
C CYS B 257 -38.39 -14.37 25.59
N PRO B 258 -39.03 -13.67 26.54
CA PRO B 258 -40.04 -14.16 27.49
C PRO B 258 -41.46 -14.04 26.94
N ASN B 265 -35.74 -9.95 33.46
CA ASN B 265 -34.52 -10.29 34.24
C ASN B 265 -33.86 -11.51 33.59
N ASP B 266 -32.60 -11.77 33.90
CA ASP B 266 -31.83 -12.81 33.25
C ASP B 266 -32.35 -14.21 33.59
N THR B 267 -32.62 -14.45 34.88
CA THR B 267 -33.07 -15.78 35.30
C THR B 267 -34.29 -16.23 34.50
N GLU B 268 -35.31 -15.37 34.43
CA GLU B 268 -36.53 -15.74 33.72
C GLU B 268 -36.24 -15.99 32.24
N LEU B 269 -35.35 -15.19 31.64
CA LEU B 269 -35.03 -15.36 30.23
C LEU B 269 -34.37 -16.71 29.97
N ILE B 270 -33.31 -17.03 30.73
CA ILE B 270 -32.60 -18.28 30.50
C ILE B 270 -33.50 -19.47 30.84
N ALA B 271 -34.35 -19.33 31.84
CA ALA B 271 -35.26 -20.42 32.20
C ALA B 271 -36.13 -20.80 31.01
N CYS B 272 -36.64 -19.81 30.28
CA CYS B 272 -37.46 -20.10 29.10
C CYS B 272 -36.62 -20.67 27.96
N LEU B 273 -35.37 -20.21 27.82
CA LEU B 273 -34.49 -20.79 26.81
C LEU B 273 -34.20 -22.25 27.09
N ARG B 274 -34.13 -22.64 28.36
CA ARG B 274 -33.85 -24.02 28.71
C ARG B 274 -35.00 -24.95 28.41
N THR B 275 -36.21 -24.41 28.21
CA THR B 275 -37.36 -25.23 27.84
C THR B 275 -37.43 -25.49 26.35
N ARG B 276 -36.62 -24.82 25.55
CA ARG B 276 -36.73 -24.93 24.10
C ARG B 276 -35.93 -26.14 23.62
N PRO B 277 -36.48 -26.93 22.69
CA PRO B 277 -35.68 -28.00 22.09
C PRO B 277 -34.45 -27.43 21.38
N ALA B 278 -33.41 -28.27 21.28
CA ALA B 278 -32.12 -27.80 20.78
C ALA B 278 -32.23 -27.23 19.37
N GLN B 279 -33.02 -27.88 18.50
CA GLN B 279 -33.09 -27.44 17.12
C GLN B 279 -33.76 -26.09 16.99
N ASP B 280 -34.63 -25.73 17.94
CA ASP B 280 -35.24 -24.40 17.91
C ASP B 280 -34.19 -23.31 18.03
N LEU B 281 -33.20 -23.51 18.92
CA LEU B 281 -32.13 -22.54 19.07
C LEU B 281 -31.25 -22.50 17.83
N VAL B 282 -30.87 -23.67 17.31
CA VAL B 282 -30.06 -23.74 16.11
C VAL B 282 -30.76 -23.08 14.94
N ASP B 283 -32.10 -23.15 14.90
CA ASP B 283 -32.84 -22.60 13.76
C ASP B 283 -32.66 -21.09 13.64
N HIS B 284 -32.47 -20.39 14.76
CA HIS B 284 -32.34 -18.93 14.77
C HIS B 284 -30.92 -18.49 15.11
N GLU B 285 -29.98 -19.43 15.23
CA GLU B 285 -28.61 -19.09 15.61
C GLU B 285 -28.02 -18.02 14.70
N TRP B 286 -28.26 -18.14 13.40
CA TRP B 286 -27.61 -17.26 12.43
C TRP B 286 -28.32 -15.93 12.25
N HIS B 287 -29.50 -15.74 12.83
CA HIS B 287 -30.30 -14.55 12.61
C HIS B 287 -29.94 -13.40 13.54
N VAL B 288 -28.93 -13.55 14.38
CA VAL B 288 -28.57 -12.52 15.36
C VAL B 288 -27.32 -11.76 15.00
N LEU B 289 -26.65 -12.11 13.91
CA LEU B 289 -25.47 -11.37 13.50
C LEU B 289 -25.87 -9.94 13.13
N PRO B 290 -25.05 -8.94 13.48
CA PRO B 290 -25.47 -7.54 13.23
C PRO B 290 -25.39 -7.11 11.78
N GLN B 291 -24.57 -7.75 10.95
CA GLN B 291 -24.47 -7.40 9.55
C GLN B 291 -24.39 -8.67 8.71
N GLU B 292 -24.79 -8.57 7.45
CA GLU B 292 -24.51 -9.61 6.48
C GLU B 292 -23.00 -9.78 6.38
N SER B 293 -22.51 -11.00 6.54
CA SER B 293 -21.08 -11.19 6.67
C SER B 293 -20.72 -12.65 6.43
N ILE B 294 -19.41 -12.87 6.23
CA ILE B 294 -18.82 -14.20 6.21
C ILE B 294 -17.68 -14.19 7.22
N PHE B 295 -17.30 -15.38 7.67
CA PHE B 295 -16.27 -15.52 8.71
C PHE B 295 -16.68 -14.79 9.98
N ARG B 296 -17.98 -14.77 10.26
CA ARG B 296 -18.52 -14.22 11.50
C ARG B 296 -19.50 -15.23 12.09
N PHE B 297 -19.43 -15.40 13.41
CA PHE B 297 -20.18 -16.44 14.10
C PHE B 297 -20.92 -15.84 15.28
N SER B 298 -22.14 -16.33 15.50
CA SER B 298 -23.07 -15.64 16.39
C SER B 298 -22.67 -15.79 17.86
N PHE B 299 -22.29 -16.99 18.29
CA PHE B 299 -22.01 -17.27 19.69
C PHE B 299 -20.58 -17.80 19.81
N VAL B 300 -19.70 -16.96 20.34
CA VAL B 300 -18.26 -17.22 20.42
C VAL B 300 -17.81 -16.82 21.82
N PRO B 301 -16.56 -17.11 22.21
CA PRO B 301 -16.08 -16.66 23.52
C PRO B 301 -16.33 -15.18 23.74
N VAL B 302 -16.61 -14.83 24.99
CA VAL B 302 -16.98 -13.46 25.35
C VAL B 302 -15.94 -12.91 26.31
N VAL B 303 -15.61 -11.62 26.15
CA VAL B 303 -14.74 -10.92 27.10
C VAL B 303 -15.55 -10.66 28.36
N ASP B 304 -15.49 -11.59 29.31
CA ASP B 304 -16.32 -11.54 30.50
C ASP B 304 -15.60 -10.93 31.71
N GLY B 305 -14.31 -10.65 31.60
CA GLY B 305 -13.54 -10.28 32.77
C GLY B 305 -13.25 -11.42 33.70
N ASP B 306 -13.57 -12.66 33.29
CA ASP B 306 -13.38 -13.84 34.13
C ASP B 306 -12.43 -14.82 33.44
N PHE B 307 -12.95 -15.67 32.56
CA PHE B 307 -12.06 -16.48 31.73
C PHE B 307 -11.09 -15.61 30.95
N LEU B 308 -11.59 -14.51 30.37
CA LEU B 308 -10.77 -13.52 29.70
C LEU B 308 -10.86 -12.23 30.51
N SER B 309 -9.77 -11.91 31.22
CA SER B 309 -9.75 -10.71 32.05
C SER B 309 -9.85 -9.43 31.21
N ASP B 310 -9.48 -9.50 29.93
CA ASP B 310 -9.53 -8.34 29.05
C ASP B 310 -9.63 -8.86 27.62
N THR B 311 -9.65 -7.94 26.67
CA THR B 311 -9.67 -8.33 25.27
C THR B 311 -8.41 -9.14 24.94
N PRO B 312 -8.51 -10.14 24.07
CA PRO B 312 -7.29 -10.84 23.64
C PRO B 312 -6.22 -9.88 23.12
N GLU B 313 -6.61 -8.82 22.41
CA GLU B 313 -5.65 -7.84 21.95
C GLU B 313 -4.87 -7.26 23.12
N ALA B 314 -5.57 -6.84 24.18
CA ALA B 314 -4.90 -6.25 25.33
C ALA B 314 -4.00 -7.26 26.02
N LEU B 315 -4.43 -8.52 26.10
CA LEU B 315 -3.68 -9.51 26.87
C LEU B 315 -2.39 -9.91 26.16
N ILE B 316 -2.43 -10.05 24.84
CA ILE B 316 -1.21 -10.38 24.12
C ILE B 316 -0.24 -9.21 24.10
N ASN B 317 -0.74 -7.98 24.29
CA ASN B 317 0.11 -6.80 24.27
C ASN B 317 0.88 -6.61 25.57
N THR B 318 0.41 -7.18 26.67
CA THR B 318 0.99 -6.94 27.97
C THR B 318 1.39 -8.23 28.70
N GLY B 319 1.17 -9.39 28.10
CA GLY B 319 1.42 -10.64 28.80
C GLY B 319 2.89 -10.98 28.91
N ASP B 320 3.18 -11.89 29.84
CA ASP B 320 4.52 -12.45 30.04
C ASP B 320 4.49 -13.88 29.54
N PHE B 321 5.17 -14.15 28.43
CA PHE B 321 5.14 -15.44 27.76
C PHE B 321 6.53 -16.08 27.72
N GLN B 322 7.30 -15.91 28.80
CA GLN B 322 8.71 -16.28 28.78
C GLN B 322 8.88 -17.79 28.57
N ASP B 323 8.36 -18.59 29.48
CA ASP B 323 8.57 -20.04 29.45
C ASP B 323 7.56 -20.75 28.57
N LEU B 324 7.21 -20.17 27.43
CA LEU B 324 6.19 -20.70 26.53
C LEU B 324 6.81 -20.93 25.15
N GLN B 325 6.51 -22.09 24.57
CA GLN B 325 6.86 -22.40 23.20
C GLN B 325 5.59 -22.53 22.38
N VAL B 326 5.59 -21.93 21.20
CA VAL B 326 4.39 -21.85 20.36
C VAL B 326 4.77 -22.11 18.92
N LEU B 327 3.92 -22.86 18.22
CA LEU B 327 4.02 -23.09 16.79
C LEU B 327 2.75 -22.56 16.13
N VAL B 328 2.91 -21.68 15.14
CA VAL B 328 1.78 -21.03 14.47
C VAL B 328 2.00 -21.09 12.96
N GLY B 329 0.91 -20.99 12.22
CA GLY B 329 1.04 -20.91 10.78
C GLY B 329 -0.32 -20.78 10.11
N VAL B 330 -0.27 -20.71 8.78
CA VAL B 330 -1.43 -20.47 7.93
C VAL B 330 -1.32 -21.37 6.71
N VAL B 331 -2.42 -21.50 5.99
CA VAL B 331 -2.42 -22.14 4.68
C VAL B 331 -2.33 -21.05 3.63
N LYS B 332 -2.08 -21.47 2.38
CA LYS B 332 -1.80 -20.51 1.32
C LYS B 332 -3.02 -19.64 0.97
N ASP B 333 -4.22 -20.21 1.07
CA ASP B 333 -5.45 -19.53 0.63
C ASP B 333 -6.49 -19.62 1.74
N GLU B 334 -6.29 -18.83 2.79
CA GLU B 334 -7.15 -18.92 3.97
C GLU B 334 -8.58 -18.54 3.66
N GLY B 335 -8.80 -17.60 2.74
CA GLY B 335 -10.11 -17.00 2.56
C GLY B 335 -11.03 -17.69 1.58
N SER B 336 -10.48 -18.48 0.67
CA SER B 336 -11.27 -19.01 -0.45
C SER B 336 -12.48 -19.79 0.03
N TYR B 337 -12.30 -20.65 1.05
CA TYR B 337 -13.39 -21.50 1.52
C TYR B 337 -14.63 -20.68 1.87
N PHE B 338 -14.44 -19.52 2.51
CA PHE B 338 -15.55 -18.77 3.08
C PHE B 338 -16.31 -17.96 2.04
N LEU B 339 -15.75 -17.75 0.85
CA LEU B 339 -16.40 -16.89 -0.13
C LEU B 339 -17.68 -17.52 -0.67
N VAL B 340 -17.69 -18.83 -0.84
CA VAL B 340 -18.85 -19.50 -1.41
C VAL B 340 -20.03 -19.59 -0.45
N TYR B 341 -19.87 -19.04 0.76
CA TYR B 341 -20.90 -19.10 1.79
C TYR B 341 -21.60 -17.76 2.00
N GLY B 342 -21.55 -16.86 1.02
CA GLY B 342 -22.24 -15.59 1.16
C GLY B 342 -21.89 -14.51 0.16
N VAL B 343 -20.71 -14.58 -0.44
CA VAL B 343 -20.27 -13.53 -1.36
C VAL B 343 -20.83 -13.81 -2.75
N PRO B 344 -21.68 -12.95 -3.31
CA PRO B 344 -22.20 -13.20 -4.66
C PRO B 344 -21.07 -13.31 -5.67
N GLY B 345 -21.21 -14.28 -6.58
CA GLY B 345 -20.23 -14.49 -7.63
C GLY B 345 -19.26 -15.63 -7.39
N PHE B 346 -19.36 -16.31 -6.26
CA PHE B 346 -18.41 -17.35 -5.88
C PHE B 346 -19.14 -18.68 -5.71
N SER B 347 -18.63 -19.72 -6.37
CA SER B 347 -19.21 -21.04 -6.32
C SER B 347 -18.10 -22.07 -6.53
N LYS B 348 -18.28 -23.25 -5.93
CA LYS B 348 -17.34 -24.33 -6.17
C LYS B 348 -17.45 -24.89 -7.58
N ASP B 349 -18.53 -24.58 -8.29
CA ASP B 349 -18.84 -25.22 -9.56
C ASP B 349 -18.40 -24.42 -10.78
N ASN B 350 -18.00 -23.15 -10.61
CA ASN B 350 -17.43 -22.37 -11.68
C ASN B 350 -16.19 -21.65 -11.16
N GLU B 351 -15.46 -21.00 -12.08
CA GLU B 351 -14.20 -20.38 -11.74
C GLU B 351 -14.36 -19.07 -10.98
N SER B 352 -15.60 -18.61 -10.76
CA SER B 352 -15.86 -17.50 -9.86
C SER B 352 -15.14 -16.22 -10.28
N LEU B 353 -15.06 -15.98 -11.59
CA LEU B 353 -14.54 -14.73 -12.09
C LEU B 353 -15.55 -13.62 -11.82
N ILE B 354 -15.13 -12.58 -11.11
CA ILE B 354 -16.04 -11.55 -10.61
C ILE B 354 -15.71 -10.20 -11.23
N SER B 355 -16.72 -9.34 -11.27
CA SER B 355 -16.54 -7.97 -11.72
C SER B 355 -15.98 -7.11 -10.59
N ARG B 356 -15.63 -5.88 -10.93
CA ARG B 356 -15.14 -4.94 -9.91
C ARG B 356 -16.26 -4.55 -8.95
N ALA B 357 -17.48 -4.39 -9.46
CA ALA B 357 -18.61 -4.07 -8.59
C ALA B 357 -18.85 -5.18 -7.58
N GLN B 358 -18.79 -6.43 -8.04
CA GLN B 358 -18.90 -7.56 -7.12
C GLN B 358 -17.78 -7.55 -6.08
N PHE B 359 -16.60 -7.06 -6.46
CA PHE B 359 -15.48 -7.00 -5.52
C PHE B 359 -15.77 -6.01 -4.40
N LEU B 360 -16.29 -4.82 -4.74
CA LEU B 360 -16.65 -3.85 -3.72
C LEU B 360 -17.75 -4.40 -2.81
N ALA B 361 -18.78 -5.00 -3.40
CA ALA B 361 -19.83 -5.62 -2.60
C ALA B 361 -19.26 -6.72 -1.71
N GLY B 362 -18.38 -7.55 -2.26
CA GLY B 362 -17.79 -8.61 -1.47
C GLY B 362 -16.99 -8.10 -0.28
N VAL B 363 -16.34 -6.95 -0.43
CA VAL B 363 -15.51 -6.42 0.66
C VAL B 363 -16.40 -5.96 1.81
N ARG B 364 -17.60 -5.44 1.53
CA ARG B 364 -18.50 -5.05 2.60
C ARG B 364 -18.97 -6.26 3.40
N ILE B 365 -19.00 -7.44 2.79
CA ILE B 365 -19.41 -8.66 3.48
C ILE B 365 -18.24 -9.29 4.22
N GLY B 366 -17.04 -9.24 3.63
CA GLY B 366 -15.86 -9.77 4.27
C GLY B 366 -15.30 -8.89 5.37
N VAL B 367 -15.58 -7.59 5.32
CA VAL B 367 -15.18 -6.67 6.37
C VAL B 367 -16.44 -5.96 6.84
N PRO B 368 -17.37 -6.67 7.49
CA PRO B 368 -18.70 -6.09 7.77
C PRO B 368 -18.66 -4.88 8.68
N GLN B 369 -17.70 -4.82 9.61
CA GLN B 369 -17.55 -3.70 10.52
C GLN B 369 -16.92 -2.46 9.88
N ALA B 370 -16.48 -2.54 8.62
CA ALA B 370 -15.77 -1.43 8.00
C ALA B 370 -16.73 -0.30 7.63
N SER B 371 -16.31 0.92 7.93
CA SER B 371 -16.98 2.09 7.39
C SER B 371 -16.76 2.15 5.88
N ASP B 372 -17.49 3.06 5.23
CA ASP B 372 -17.32 3.23 3.79
C ASP B 372 -15.89 3.59 3.43
N LEU B 373 -15.24 4.40 4.28
CA LEU B 373 -13.87 4.84 3.98
C LEU B 373 -12.86 3.72 4.21
N ALA B 374 -13.04 2.95 5.29
CA ALA B 374 -12.19 1.79 5.51
C ALA B 374 -12.37 0.76 4.40
N ALA B 375 -13.62 0.52 3.99
CA ALA B 375 -13.88 -0.37 2.87
C ALA B 375 -13.14 0.11 1.62
N GLU B 376 -13.17 1.41 1.37
CA GLU B 376 -12.44 1.95 0.22
C GLU B 376 -10.94 1.74 0.37
N ALA B 377 -10.40 1.95 1.57
CA ALA B 377 -8.99 1.67 1.79
C ALA B 377 -8.64 0.23 1.43
N VAL B 378 -9.48 -0.72 1.84
CA VAL B 378 -9.23 -2.12 1.51
C VAL B 378 -9.25 -2.33 0.01
N VAL B 379 -10.29 -1.81 -0.65
CA VAL B 379 -10.42 -1.99 -2.10
C VAL B 379 -9.19 -1.45 -2.81
N LEU B 380 -8.75 -0.24 -2.45
CA LEU B 380 -7.63 0.37 -3.15
C LEU B 380 -6.32 -0.34 -2.86
N HIS B 381 -6.17 -0.88 -1.65
CA HIS B 381 -4.94 -1.60 -1.30
C HIS B 381 -4.82 -2.89 -2.11
N TYR B 382 -5.91 -3.62 -2.26
CA TYR B 382 -5.88 -4.95 -2.87
C TYR B 382 -6.08 -4.93 -4.38
N THR B 383 -6.54 -3.82 -4.94
CA THR B 383 -6.64 -3.72 -6.40
C THR B 383 -5.24 -3.70 -7.00
N ASP B 384 -5.07 -4.44 -8.09
CA ASP B 384 -3.86 -4.35 -8.91
C ASP B 384 -4.13 -3.30 -9.98
N TRP B 385 -3.54 -2.12 -9.79
CA TRP B 385 -3.86 -0.97 -10.63
C TRP B 385 -3.20 -1.04 -12.01
N LEU B 386 -2.46 -2.11 -12.31
CA LEU B 386 -2.10 -2.41 -13.68
C LEU B 386 -3.22 -3.18 -14.39
N HIS B 387 -3.99 -3.96 -13.63
CA HIS B 387 -5.14 -4.70 -14.17
C HIS B 387 -6.31 -4.53 -13.21
N PRO B 388 -6.78 -3.30 -13.03
CA PRO B 388 -7.78 -3.04 -11.98
C PRO B 388 -9.09 -3.77 -12.18
N GLU B 389 -9.38 -4.23 -13.39
CA GLU B 389 -10.65 -4.88 -13.69
C GLU B 389 -10.51 -6.34 -14.09
N ASP B 390 -9.30 -6.90 -14.04
CA ASP B 390 -9.11 -8.30 -14.38
C ASP B 390 -9.91 -9.19 -13.42
N PRO B 391 -10.90 -9.95 -13.90
CA PRO B 391 -11.72 -10.75 -12.97
C PRO B 391 -10.94 -11.83 -12.22
N THR B 392 -9.94 -12.44 -12.84
CA THR B 392 -9.15 -13.44 -12.14
C THR B 392 -8.46 -12.83 -10.91
N HIS B 393 -7.81 -11.67 -11.10
CA HIS B 393 -7.14 -11.02 -9.98
C HIS B 393 -8.15 -10.59 -8.92
N LEU B 394 -9.29 -10.04 -9.34
CA LEU B 394 -10.28 -9.58 -8.39
C LEU B 394 -10.80 -10.75 -7.54
N ARG B 395 -11.00 -11.92 -8.17
CA ARG B 395 -11.43 -13.08 -7.42
C ARG B 395 -10.38 -13.50 -6.40
N ASP B 396 -9.12 -13.62 -6.84
CA ASP B 396 -8.05 -13.97 -5.92
C ASP B 396 -7.84 -12.88 -4.87
N ALA B 397 -8.11 -11.62 -5.21
CA ALA B 397 -7.98 -10.55 -4.23
C ALA B 397 -9.08 -10.64 -3.18
N MET B 398 -10.28 -11.03 -3.59
CA MET B 398 -11.37 -11.23 -2.62
C MET B 398 -10.99 -12.29 -1.60
N SER B 399 -10.38 -13.39 -2.05
CA SER B 399 -9.92 -14.41 -1.12
C SER B 399 -8.83 -13.87 -0.20
N ALA B 400 -7.93 -13.06 -0.73
CA ALA B 400 -6.84 -12.52 0.09
C ALA B 400 -7.38 -11.58 1.15
N VAL B 401 -8.37 -10.74 0.82
CA VAL B 401 -8.96 -9.86 1.81
C VAL B 401 -9.50 -10.67 2.99
N VAL B 402 -10.34 -11.66 2.71
CA VAL B 402 -10.95 -12.45 3.78
C VAL B 402 -9.89 -13.21 4.57
N GLY B 403 -8.92 -13.81 3.87
CA GLY B 403 -7.92 -14.59 4.56
C GLY B 403 -6.96 -13.74 5.38
N ASP B 404 -6.51 -12.62 4.81
CA ASP B 404 -5.60 -11.74 5.55
C ASP B 404 -6.30 -11.12 6.75
N HIS B 405 -7.53 -10.65 6.56
CA HIS B 405 -8.24 -9.96 7.62
C HIS B 405 -8.54 -10.89 8.80
N ASN B 406 -8.92 -12.13 8.53
CA ASN B 406 -9.41 -13.02 9.57
C ASN B 406 -8.35 -13.98 10.10
N VAL B 407 -7.29 -14.26 9.35
CA VAL B 407 -6.33 -15.26 9.78
C VAL B 407 -4.89 -14.77 9.70
N VAL B 408 -4.41 -14.44 8.49
CA VAL B 408 -2.98 -14.25 8.29
C VAL B 408 -2.44 -13.15 9.19
N CYS B 409 -3.10 -11.99 9.18
CA CYS B 409 -2.56 -10.84 9.91
C CYS B 409 -2.80 -10.97 11.41
N PRO B 410 -3.95 -11.48 11.85
CA PRO B 410 -4.05 -11.83 13.28
C PRO B 410 -2.93 -12.76 13.72
N VAL B 411 -2.58 -13.76 12.91
CA VAL B 411 -1.50 -14.67 13.25
C VAL B 411 -0.17 -13.91 13.32
N ALA B 412 0.10 -13.08 12.31
CA ALA B 412 1.32 -12.29 12.34
C ALA B 412 1.34 -11.39 13.56
N GLN B 413 0.20 -10.80 13.91
N GLN B 413 0.20 -10.80 13.91
CA GLN B 413 0.12 -9.99 15.12
CA GLN B 413 0.11 -10.00 15.13
C GLN B 413 0.49 -10.82 16.35
C GLN B 413 0.47 -10.82 16.35
N LEU B 414 -0.17 -11.97 16.52
CA LEU B 414 0.09 -12.82 17.68
C LEU B 414 1.55 -13.25 17.73
N ALA B 415 2.07 -13.76 16.61
CA ALA B 415 3.46 -14.24 16.58
C ALA B 415 4.43 -13.14 16.98
N GLY B 416 4.19 -11.91 16.52
CA GLY B 416 5.08 -10.82 16.88
C GLY B 416 5.04 -10.48 18.36
N ARG B 417 3.84 -10.40 18.92
CA ARG B 417 3.72 -10.06 20.34
C ARG B 417 4.27 -11.17 21.23
N LEU B 418 4.02 -12.43 20.88
CA LEU B 418 4.55 -13.54 21.67
C LEU B 418 6.08 -13.53 21.65
N ALA B 419 6.67 -13.42 20.46
CA ALA B 419 8.12 -13.39 20.35
C ALA B 419 8.71 -12.21 21.11
N ALA B 420 8.10 -11.03 20.97
CA ALA B 420 8.61 -9.84 21.62
C ALA B 420 8.61 -9.97 23.14
N GLN B 421 7.68 -10.74 23.69
CA GLN B 421 7.47 -10.79 25.13
C GLN B 421 7.82 -12.16 25.71
N GLY B 422 8.86 -12.80 25.18
CA GLY B 422 9.53 -13.90 25.85
C GLY B 422 9.30 -15.27 25.28
N ALA B 423 8.33 -15.44 24.39
CA ALA B 423 7.98 -16.78 23.92
C ALA B 423 8.92 -17.25 22.83
N ARG B 424 9.13 -18.56 22.77
CA ARG B 424 9.80 -19.21 21.65
C ARG B 424 8.75 -19.55 20.60
N VAL B 425 8.88 -18.95 19.41
CA VAL B 425 7.84 -19.02 18.39
C VAL B 425 8.43 -19.58 17.10
N TYR B 426 7.70 -20.50 16.48
CA TYR B 426 8.01 -21.02 15.16
C TYR B 426 6.80 -20.79 14.25
N ALA B 427 7.06 -20.35 13.03
CA ALA B 427 6.00 -19.98 12.10
C ALA B 427 6.16 -20.72 10.77
N TYR B 428 5.04 -21.00 10.13
CA TYR B 428 5.03 -21.72 8.86
C TYR B 428 3.91 -21.20 7.97
N ILE B 429 4.06 -21.46 6.67
CA ILE B 429 2.97 -21.34 5.71
C ILE B 429 2.87 -22.68 4.99
N PHE B 430 1.67 -23.22 4.93
CA PHE B 430 1.41 -24.54 4.35
C PHE B 430 0.88 -24.35 2.93
N GLU B 431 1.63 -24.84 1.95
CA GLU B 431 1.41 -24.50 0.55
C GLU B 431 1.09 -25.69 -0.34
N HIS B 432 0.89 -26.88 0.21
CA HIS B 432 0.61 -28.06 -0.60
C HIS B 432 -0.90 -28.27 -0.72
N ARG B 433 -1.36 -28.43 -1.96
CA ARG B 433 -2.75 -28.76 -2.26
C ARG B 433 -2.86 -30.27 -2.42
N ALA B 434 -3.72 -30.89 -1.61
CA ALA B 434 -3.86 -32.34 -1.65
C ALA B 434 -4.28 -32.80 -3.02
N SER B 435 -3.63 -33.87 -3.52
CA SER B 435 -4.03 -34.48 -4.77
C SER B 435 -5.47 -34.98 -4.74
N THR B 436 -6.00 -35.23 -3.54
CA THR B 436 -7.35 -35.76 -3.36
C THR B 436 -8.38 -34.68 -3.12
N LEU B 437 -7.98 -33.41 -3.14
CA LEU B 437 -8.91 -32.32 -2.84
C LEU B 437 -10.04 -32.29 -3.85
N THR B 438 -11.26 -32.06 -3.34
CA THR B 438 -12.46 -32.07 -4.16
C THR B 438 -12.97 -30.67 -4.51
N TRP B 439 -12.43 -29.63 -3.88
CA TRP B 439 -12.79 -28.26 -4.22
C TRP B 439 -12.11 -27.85 -5.53
N PRO B 440 -12.58 -26.79 -6.18
CA PRO B 440 -11.99 -26.38 -7.46
C PRO B 440 -10.60 -25.76 -7.27
N LEU B 441 -9.90 -25.62 -8.40
CA LEU B 441 -8.52 -25.16 -8.36
C LEU B 441 -8.40 -23.71 -7.90
N TRP B 442 -9.39 -22.87 -8.21
CA TRP B 442 -9.27 -21.46 -7.86
C TRP B 442 -9.21 -21.25 -6.35
N MET B 443 -9.69 -22.21 -5.57
CA MET B 443 -9.62 -22.10 -4.12
C MET B 443 -8.23 -22.39 -3.57
N GLY B 444 -7.33 -22.96 -4.38
CA GLY B 444 -5.95 -23.13 -3.95
C GLY B 444 -5.84 -24.13 -2.82
N VAL B 445 -5.14 -23.72 -1.75
CA VAL B 445 -5.00 -24.53 -0.54
C VAL B 445 -5.96 -23.96 0.50
N PRO B 446 -7.18 -24.50 0.62
CA PRO B 446 -8.18 -23.84 1.45
C PRO B 446 -7.96 -24.03 2.93
N HIS B 447 -8.61 -23.16 3.70
CA HIS B 447 -8.67 -23.26 5.15
C HIS B 447 -9.01 -24.68 5.57
N GLY B 448 -8.15 -25.26 6.41
CA GLY B 448 -8.43 -26.53 7.06
C GLY B 448 -7.87 -27.76 6.39
N TYR B 449 -7.20 -27.63 5.25
CA TYR B 449 -6.77 -28.80 4.48
C TYR B 449 -5.29 -29.10 4.66
N GLU B 450 -4.67 -28.58 5.71
CA GLU B 450 -3.41 -29.11 6.21
C GLU B 450 -3.61 -30.19 7.25
N ILE B 451 -4.81 -30.30 7.82
CA ILE B 451 -5.03 -31.17 8.97
C ILE B 451 -4.79 -32.63 8.60
N GLU B 452 -5.40 -33.07 7.49
CA GLU B 452 -5.25 -34.47 7.09
C GLU B 452 -3.78 -34.88 6.95
N PHE B 453 -2.88 -33.93 6.69
CA PHE B 453 -1.46 -34.25 6.59
C PHE B 453 -0.79 -34.30 7.95
N ILE B 454 -1.14 -33.37 8.85
CA ILE B 454 -0.59 -33.41 10.20
C ILE B 454 -0.97 -34.70 10.90
N PHE B 455 -2.22 -35.14 10.74
CA PHE B 455 -2.68 -36.36 11.38
C PHE B 455 -2.21 -37.62 10.67
N GLY B 456 -1.66 -37.50 9.47
CA GLY B 456 -1.05 -38.62 8.80
C GLY B 456 -1.97 -39.51 8.00
N LEU B 457 -3.11 -38.98 7.55
CA LEU B 457 -4.01 -39.80 6.73
C LEU B 457 -3.36 -40.32 5.46
N PRO B 458 -2.45 -39.59 4.80
CA PRO B 458 -1.80 -40.15 3.61
C PRO B 458 -1.09 -41.47 3.84
N LEU B 459 -0.80 -41.83 5.09
CA LEU B 459 -0.18 -43.12 5.37
C LEU B 459 -1.15 -44.29 5.21
N ASP B 460 -2.43 -44.01 4.92
CA ASP B 460 -3.41 -45.05 4.67
C ASP B 460 -3.52 -45.26 3.16
N PRO B 461 -3.05 -46.40 2.63
CA PRO B 461 -3.02 -46.53 1.16
C PRO B 461 -4.38 -46.53 0.51
N SER B 462 -5.44 -46.89 1.23
CA SER B 462 -6.77 -46.94 0.64
C SER B 462 -7.32 -45.56 0.31
N LEU B 463 -6.69 -44.50 0.78
CA LEU B 463 -7.14 -43.13 0.50
C LEU B 463 -6.52 -42.56 -0.76
N ASN B 464 -5.60 -43.29 -1.40
CA ASN B 464 -5.13 -42.95 -2.75
C ASN B 464 -4.36 -41.63 -2.77
N TYR B 465 -3.61 -41.36 -1.71
CA TYR B 465 -2.66 -40.25 -1.76
C TYR B 465 -1.42 -40.68 -2.54
N THR B 466 -0.71 -39.69 -3.09
CA THR B 466 0.52 -39.98 -3.79
C THR B 466 1.61 -40.41 -2.80
N THR B 467 2.62 -41.12 -3.33
CA THR B 467 3.72 -41.54 -2.47
C THR B 467 4.53 -40.34 -1.98
N GLU B 468 4.56 -39.26 -2.76
CA GLU B 468 5.22 -38.04 -2.28
C GLU B 468 4.44 -37.43 -1.11
N GLU B 469 3.11 -37.49 -1.18
CA GLU B 469 2.29 -36.96 -0.09
C GLU B 469 2.43 -37.80 1.17
N ARG B 470 2.63 -39.11 1.02
CA ARG B 470 2.92 -39.96 2.17
C ARG B 470 4.20 -39.52 2.85
N ILE B 471 5.26 -39.32 2.08
CA ILE B 471 6.53 -38.84 2.63
C ILE B 471 6.34 -37.46 3.25
N PHE B 472 5.56 -36.60 2.59
CA PHE B 472 5.32 -35.26 3.11
C PHE B 472 4.61 -35.32 4.46
N ALA B 473 3.59 -36.18 4.57
CA ALA B 473 2.88 -36.31 5.84
C ALA B 473 3.81 -36.75 6.96
N GLN B 474 4.68 -37.73 6.69
CA GLN B 474 5.61 -38.19 7.71
C GLN B 474 6.49 -37.05 8.21
N ARG B 475 6.95 -36.18 7.30
CA ARG B 475 7.74 -35.03 7.71
C ARG B 475 6.97 -34.15 8.67
N LEU B 476 5.72 -33.85 8.35
CA LEU B 476 4.93 -32.96 9.19
C LEU B 476 4.65 -33.58 10.55
N MET B 477 4.26 -34.86 10.57
CA MET B 477 4.08 -35.53 11.85
C MET B 477 5.33 -35.44 12.71
N LYS B 478 6.52 -35.46 12.08
CA LYS B 478 7.76 -35.35 12.82
C LYS B 478 7.95 -33.95 13.39
N TYR B 479 7.70 -32.92 12.57
CA TYR B 479 7.75 -31.55 13.07
C TYR B 479 6.87 -31.37 14.28
N TRP B 480 5.60 -31.79 14.18
CA TRP B 480 4.64 -31.55 15.25
C TRP B 480 5.00 -32.33 16.51
N THR B 481 5.39 -33.59 16.36
CA THR B 481 5.72 -34.40 17.53
C THR B 481 7.08 -34.01 18.13
N ASN B 482 8.03 -33.62 17.28
CA ASN B 482 9.28 -33.06 17.80
C ASN B 482 9.01 -31.81 18.62
N PHE B 483 8.13 -30.94 18.13
CA PHE B 483 7.76 -29.75 18.90
C PHE B 483 7.09 -30.15 20.21
N ALA B 484 6.20 -31.14 20.17
CA ALA B 484 5.57 -31.61 21.40
C ALA B 484 6.60 -32.16 22.38
N ARG B 485 7.59 -32.90 21.87
CA ARG B 485 8.60 -33.49 22.73
C ARG B 485 9.49 -32.42 23.37
N THR B 486 9.89 -31.42 22.59
CA THR B 486 11.00 -30.56 22.96
C THR B 486 10.69 -29.07 22.89
N GLY B 487 9.57 -28.66 22.31
CA GLY B 487 9.36 -27.25 22.03
C GLY B 487 10.12 -26.73 20.83
N ASP B 488 10.66 -27.62 20.01
CA ASP B 488 11.45 -27.29 18.84
C ASP B 488 11.11 -28.28 17.72
N PRO B 489 10.54 -27.81 16.60
CA PRO B 489 10.13 -28.76 15.55
C PRO B 489 11.30 -29.42 14.84
N ASN B 490 12.53 -28.98 15.06
CA ASN B 490 13.67 -29.49 14.31
C ASN B 490 14.06 -30.88 14.79
N ASP B 491 14.35 -31.75 13.82
CA ASP B 491 14.80 -33.10 14.14
C ASP B 491 16.18 -33.05 14.79
N PRO B 492 16.36 -33.54 16.01
CA PRO B 492 17.69 -33.48 16.63
C PRO B 492 18.66 -34.53 16.11
N ARG B 493 18.24 -35.33 15.12
CA ARG B 493 19.11 -36.26 14.43
C ARG B 493 19.49 -35.79 13.03
N ASP B 494 18.54 -35.20 12.29
CA ASP B 494 18.83 -34.67 10.97
C ASP B 494 19.80 -33.50 11.07
N SER B 495 20.47 -33.21 9.95
CA SER B 495 21.49 -32.18 9.88
C SER B 495 21.19 -31.25 8.71
N LYS B 496 20.86 -29.95 8.98
CA LYS B 496 20.61 -28.80 8.04
C LYS B 496 19.85 -29.24 6.78
N SER B 497 18.51 -29.32 6.87
CA SER B 497 17.68 -29.72 5.73
C SER B 497 17.01 -28.56 4.98
N PRO B 498 17.24 -27.26 5.33
CA PRO B 498 17.99 -26.64 6.44
C PRO B 498 17.19 -26.59 7.74
N GLN B 499 17.61 -25.79 8.70
CA GLN B 499 16.95 -25.72 10.00
C GLN B 499 15.76 -24.78 9.96
N TRP B 500 14.77 -25.08 10.79
CA TRP B 500 13.59 -24.23 10.96
C TRP B 500 13.90 -23.20 12.02
N PRO B 501 14.08 -21.92 11.68
CA PRO B 501 14.50 -20.94 12.68
C PRO B 501 13.31 -20.38 13.44
N PRO B 502 13.52 -19.92 14.69
CA PRO B 502 12.44 -19.28 15.41
C PRO B 502 11.99 -17.98 14.75
N TYR B 503 10.70 -17.69 14.87
CA TYR B 503 10.18 -16.40 14.43
C TYR B 503 10.54 -15.32 15.44
N THR B 504 11.04 -14.20 14.95
CA THR B 504 11.41 -13.07 15.79
C THR B 504 10.87 -11.79 15.17
N THR B 505 10.69 -10.76 16.01
CA THR B 505 10.27 -9.47 15.51
C THR B 505 11.33 -8.86 14.59
N ALA B 506 12.60 -9.17 14.84
CA ALA B 506 13.70 -8.64 14.04
C ALA B 506 13.72 -9.26 12.65
N ALA B 507 13.97 -10.57 12.58
CA ALA B 507 14.14 -11.23 11.30
C ALA B 507 12.82 -11.68 10.70
N GLN B 508 11.82 -12.01 11.53
CA GLN B 508 10.49 -12.38 11.05
C GLN B 508 10.54 -13.63 10.17
N GLN B 509 11.36 -14.60 10.56
CA GLN B 509 11.58 -15.79 9.74
C GLN B 509 10.48 -16.82 9.94
N TYR B 510 10.03 -17.41 8.83
CA TYR B 510 9.09 -18.51 8.83
C TYR B 510 9.49 -19.47 7.71
N VAL B 511 8.87 -20.65 7.68
CA VAL B 511 9.22 -21.66 6.70
C VAL B 511 7.99 -22.04 5.88
N SER B 512 8.25 -22.48 4.65
CA SER B 512 7.20 -22.99 3.78
C SER B 512 7.13 -24.51 3.94
N LEU B 513 5.92 -25.02 4.11
CA LEU B 513 5.67 -26.45 4.24
C LEU B 513 5.03 -26.94 2.94
N ASN B 514 5.81 -27.66 2.14
CA ASN B 514 5.32 -28.22 0.88
C ASN B 514 6.17 -29.44 0.55
N LEU B 515 6.04 -29.93 -0.69
CA LEU B 515 6.74 -31.15 -1.07
C LEU B 515 8.24 -30.93 -1.16
N LYS B 516 8.68 -29.70 -1.42
CA LYS B 516 10.11 -29.41 -1.47
C LYS B 516 10.65 -29.23 -0.06
N PRO B 517 11.98 -29.31 0.11
CA PRO B 517 12.56 -29.12 1.45
C PRO B 517 12.21 -27.75 2.01
N LEU B 518 12.37 -27.63 3.34
CA LEU B 518 12.08 -26.37 4.02
C LEU B 518 12.79 -25.21 3.33
N GLU B 519 12.07 -24.11 3.17
CA GLU B 519 12.62 -22.87 2.64
C GLU B 519 12.29 -21.77 3.65
N VAL B 520 13.33 -21.10 4.14
CA VAL B 520 13.15 -20.02 5.10
C VAL B 520 12.77 -18.75 4.36
N ARG B 521 11.73 -18.07 4.82
CA ARG B 521 11.30 -16.79 4.29
C ARG B 521 11.20 -15.78 5.42
N ARG B 522 11.14 -14.51 5.05
CA ARG B 522 11.15 -13.42 6.02
C ARG B 522 9.96 -12.50 5.76
N GLY B 523 9.21 -12.21 6.82
CA GLY B 523 8.07 -11.31 6.73
C GLY B 523 6.80 -12.02 6.29
N LEU B 524 5.84 -12.12 7.20
CA LEU B 524 4.57 -12.78 6.91
C LEU B 524 3.61 -11.72 6.39
N ARG B 525 3.66 -11.47 5.08
CA ARG B 525 2.87 -10.43 4.44
C ARG B 525 2.99 -9.12 5.21
N ALA B 526 4.23 -8.65 5.35
CA ALA B 526 4.54 -7.58 6.28
C ALA B 526 3.81 -6.29 5.91
N GLN B 527 3.92 -5.88 4.64
CA GLN B 527 3.31 -4.61 4.23
C GLN B 527 1.80 -4.66 4.40
N THR B 528 1.17 -5.75 3.97
CA THR B 528 -0.29 -5.85 4.03
C THR B 528 -0.78 -5.92 5.47
N CYS B 529 -0.04 -6.60 6.34
CA CYS B 529 -0.47 -6.70 7.72
C CYS B 529 -0.17 -5.44 8.52
N ALA B 530 0.74 -4.60 8.04
CA ALA B 530 0.84 -3.24 8.58
C ALA B 530 -0.45 -2.47 8.30
N PHE B 531 -1.02 -2.65 7.10
CA PHE B 531 -2.30 -2.04 6.79
C PHE B 531 -3.38 -2.50 7.76
N TRP B 532 -3.53 -3.82 7.93
CA TRP B 532 -4.62 -4.34 8.75
C TRP B 532 -4.39 -4.07 10.24
N ASN B 533 -3.14 -4.20 10.71
CA ASN B 533 -2.87 -4.20 12.14
C ASN B 533 -2.49 -2.83 12.68
N ARG B 534 -1.97 -1.93 11.85
CA ARG B 534 -1.52 -0.62 12.29
C ARG B 534 -2.38 0.52 11.77
N PHE B 535 -2.76 0.51 10.50
CA PHE B 535 -3.50 1.64 9.94
C PHE B 535 -5.01 1.53 10.19
N LEU B 536 -5.62 0.44 9.75
CA LEU B 536 -7.08 0.34 9.80
C LEU B 536 -7.64 0.58 11.20
N PRO B 537 -7.04 0.12 12.29
CA PRO B 537 -7.56 0.48 13.61
C PRO B 537 -7.63 1.99 13.82
N LYS B 538 -6.62 2.72 13.38
CA LYS B 538 -6.65 4.18 13.44
C LYS B 538 -7.79 4.72 12.59
N LEU B 539 -7.92 4.22 11.36
CA LEU B 539 -8.95 4.72 10.46
C LEU B 539 -10.33 4.54 11.07
N LEU B 540 -10.55 3.44 11.78
CA LEU B 540 -11.82 3.23 12.46
C LEU B 540 -11.84 3.92 13.82
N SER B 541 -10.71 3.93 14.52
CA SER B 541 -10.59 4.64 15.79
C SER B 541 -10.52 6.15 15.55
N ALA B 542 -11.51 6.67 14.83
CA ALA B 542 -11.53 8.05 14.36
C ALA B 542 -12.66 8.24 13.36
N THR B 543 -13.11 7.15 12.75
CA THR B 543 -14.20 7.18 11.77
C THR B 543 -13.89 8.20 10.68
C10 VY8 C . 14.61 22.82 -8.97
C13 VY8 C . 14.86 24.94 -11.93
C15 VY8 C . 16.86 21.66 -10.21
C17 VY8 C . 15.36 21.82 -8.35
C11 VY8 C . 15.03 23.24 -10.25
C14 VY8 C . 16.13 22.66 -10.87
C16 VY8 C . 16.46 21.24 -8.96
C02 VY8 C . 13.56 24.47 -7.45
C04 VY8 C . 15.04 26.16 -6.25
C05 VY8 C . 15.46 25.66 -4.81
C07 VY8 C . 14.25 23.67 -3.91
C08 VY8 C . 14.12 25.79 -2.71
N03 VY8 C . 14.82 25.01 -7.18
N06 VY8 C . 14.24 25.17 -4.08
N09 VY8 C . 13.49 23.41 -8.33
O12 VY8 C . 14.28 24.23 -10.87
S01 VY8 C . 12.21 25.13 -6.70
H133 VY8 C . 14.45 25.82 -11.88
H131 VY8 C . 14.60 24.45 -12.73
H132 VY8 C . 15.81 24.93 -11.76
H151 VY8 C . 17.60 21.26 -10.61
H171 VY8 C . 15.12 21.53 -7.51
H141 VY8 C . 16.41 22.92 -11.71
H161 VY8 C . 16.92 20.58 -8.49
H041 VY8 C . 15.72 26.74 -6.63
H042 VY8 C . 14.24 26.69 -6.22
H052 VY8 C . 16.14 24.97 -4.90
H051 VY8 C . 15.90 26.39 -4.34
H071 VY8 C . 13.51 23.32 -3.40
H073 VY8 C . 15.02 23.32 -3.45
H072 VY8 C . 14.22 23.17 -4.73
H083 VY8 C . 13.30 25.59 -2.21
H081 VY8 C . 14.15 26.76 -2.67
H082 VY8 C . 14.81 25.54 -2.06
H031 VY8 C . 15.53 24.69 -7.55
H091 VY8 C . 12.73 23.04 -8.53
C5 PG0 D . -9.29 10.40 -9.56
O2 PG0 D . -8.28 9.95 -10.39
C4 PG0 D . -8.51 8.85 -11.17
C3 PG0 D . -7.53 8.79 -12.30
O1 PG0 D . -8.15 8.15 -13.35
C2 PG0 D . -7.45 7.74 -14.46
C1 PG0 D . -8.39 7.76 -15.63
OTT PG0 D . -7.94 6.90 -16.60
H51 PG0 D . -9.53 9.70 -8.93
H52 PG0 D . -9.00 11.18 -9.08
H53 PG0 D . -10.08 10.62 -10.10
H41 PG0 D . -8.43 8.05 -10.64
H42 PG0 D . -9.41 8.90 -11.54
H31 PG0 D . -6.74 8.30 -12.02
H32 PG0 D . -7.28 9.69 -12.57
H21 PG0 D . -6.71 8.35 -14.63
H22 PG0 D . -7.11 6.84 -14.32
H11 PG0 D . -8.43 8.67 -15.98
H12 PG0 D . -9.26 7.49 -15.33
HTT PG0 D . -8.58 6.33 -16.81
O1 MXE E . 20.19 52.37 -30.72
C1 MXE E . 19.09 51.50 -30.90
C2 MXE E . 18.17 51.71 -29.66
O2 MXE E . 17.08 50.86 -29.88
C3 MXE E . 16.48 50.43 -28.65
HO1 MXE E . 20.18 52.88 -31.42
H11 MXE E . 18.63 51.71 -31.73
H12 MXE E . 19.40 50.58 -30.96
H21 MXE E . 17.87 52.64 -29.60
H22 MXE E . 18.63 51.48 -28.84
H31 MXE E . 15.65 49.93 -28.77
H32 MXE E . 17.05 49.85 -28.13
H33 MXE E . 16.25 51.17 -28.06
O1 MXE F . -12.72 32.21 -8.35
C1 MXE F . -13.29 30.93 -8.06
C2 MXE F . -13.30 30.17 -9.42
O2 MXE F . -13.81 28.89 -9.09
C3 MXE F . -14.82 28.46 -10.00
HO1 MXE F . -13.20 32.77 -7.93
H11 MXE F . -12.77 30.49 -7.39
H12 MXE F . -14.18 31.06 -7.71
H21 MXE F . -12.41 30.10 -9.79
H22 MXE F . -13.88 30.61 -10.07
H31 MXE F . -14.57 28.58 -10.94
H32 MXE F . -15.05 27.52 -9.92
H33 MXE F . -15.66 28.94 -9.91
O2' TOE G . 8.84 -1.26 1.45
CA' TOE G . 8.35 -0.73 0.29
CB' TOE G . 7.07 0.00 0.54
OC' TOE G . 6.62 0.48 -0.67
CD' TOE G . 6.49 1.84 -0.87
CE' TOE G . 7.34 2.15 -2.06
OF' TOE G . 7.92 3.38 -1.89
CG' TOE G . 9.10 3.48 -1.18
CH' TOE G . 10.23 2.93 -2.00
OI' TOE G . 11.20 3.89 -2.15
CK' TOE G . 11.92 3.90 -3.33
H1 TOE G . 9.34 -1.98 1.26
H2 TOE G . 8.19 -1.44 -0.35
H3 TOE G . 9.00 -0.11 -0.08
H4 TOE G . 7.22 0.73 1.16
H5 TOE G . 6.42 -0.61 0.92
H6 TOE G . 6.80 2.33 -0.10
H7 TOE G . 5.56 2.06 -1.05
H8 TOE G . 8.02 1.47 -2.15
H9 TOE G . 6.78 2.16 -2.85
H10 TOE G . 9.28 4.41 -0.98
H11 TOE G . 9.03 2.97 -0.35
H12 TOE G . 10.61 2.16 -1.54
H13 TOE G . 9.89 2.66 -2.86
H14 TOE G . 12.52 4.67 -3.34
H15 TOE G . 11.30 3.97 -4.09
H16 TOE G . 12.43 3.08 -3.41
O2' TOE H . 18.70 28.30 6.47
CA' TOE H . 18.54 27.60 5.30
CB' TOE H . 19.15 28.37 4.18
OC' TOE H . 18.53 28.09 2.98
CD' TOE H . 18.20 29.15 2.15
CE' TOE H . 17.92 28.64 0.77
OF' TOE H . 16.57 28.38 0.66
CG' TOE H . 15.90 28.58 -0.53
CH' TOE H . 14.61 29.21 -0.14
OI' TOE H . 14.87 30.08 0.89
CK' TOE H . 14.65 29.69 2.20
H1 TOE H . 17.92 28.65 6.71
H2 TOE H . 17.58 27.47 5.13
H3 TOE H . 18.97 26.73 5.37
H4 TOE H . 20.09 28.13 4.11
H5 TOE H . 19.06 29.32 4.35
H6 TOE H . 18.94 29.77 2.12
H7 TOE H . 17.42 29.59 2.50
H8 TOE H . 18.18 29.32 0.12
H9 TOE H . 18.43 27.82 0.62
H10 TOE H . 16.41 29.17 -1.10
H11 TOE H . 15.75 27.73 -0.97
H12 TOE H . 14.24 29.69 -0.90
H13 TOE H . 13.97 28.53 0.15
H14 TOE H . 13.78 29.27 2.27
H15 TOE H . 14.68 30.48 2.78
H16 TOE H . 15.35 29.06 2.47
OXT 7PG I . 1.69 -7.04 -3.02
C1 7PG I . 2.49 -6.03 -2.53
C2 7PG I . 2.02 -5.65 -1.17
O1 7PG I . 1.97 -4.29 -1.07
C3 7PG I . 0.76 -3.68 -0.88
C4 7PG I . 0.31 -3.00 -2.11
O2 7PG I . -0.70 -2.12 -1.84
C5 7PG I . -0.38 -0.82 -1.62
C6 7PG I . -1.38 0.03 -2.30
O3 7PG I . -1.81 1.00 -1.50
C7 7PG I . -2.11 2.11 -2.21
C8 7PG I . -3.52 1.97 -2.60
O4 7PG I . -4.32 2.49 -1.63
C9 7PG I . -3.95 2.34 -0.33
C10 7PG I . -5.05 2.78 0.53
O5 7PG I . -4.47 3.34 1.61
C11 7PG I . -4.19 2.58 2.68
C12 7PG I . -3.47 3.42 3.62
O6 7PG I . -2.63 2.62 4.31
C13 7PG I . -1.32 2.89 4.27
C14 7PG I . -0.59 1.87 5.05
O7 7PG I . -0.54 0.65 4.48
C15 7PG I . 0.63 -0.04 4.66
C16 7PG I . 0.89 -1.03 3.57
O8 7PG I . 1.08 -0.44 2.35
C17 7PG I . 2.22 -0.73 1.65
HOXT 7PG I . 1.56 -7.65 -2.39
H11 7PG I . 3.41 -6.33 -2.49
H12 7PG I . 2.43 -5.25 -3.12
H21 7PG I . 2.63 -6.00 -0.50
H22 7PG I . 1.13 -6.02 -1.01
H31 7PG I . 0.10 -4.35 -0.61
H32 7PG I . 0.85 -3.02 -0.17
H41 7PG I . 1.05 -2.52 -2.51
H42 7PG I . -0.03 -3.68 -2.74
H51 7PG I . -0.41 -0.64 -0.66
H52 7PG I . 0.50 -0.64 -1.97
H61 7PG I . -0.96 0.49 -3.04
H62 7PG I . -2.12 -0.51 -2.62
H71 7PG I . -1.55 2.16 -3.00
H72 7PG I . -1.99 2.90 -1.65
H81 7PG I . -3.67 2.46 -3.43
H82 7PG I . -3.74 1.03 -2.73
H91 7PG I . -3.75 1.41 -0.16
H92 7PG I . -3.16 2.88 -0.15
H101 7PG I . -5.59 3.44 0.07
H102 7PG I . -5.59 2.02 0.80
H111 7PG I . -5.01 2.26 3.08
H112 7PG I . -3.63 1.83 2.42
H121 7PG I . -2.96 4.10 3.14
H122 7PG I . -4.10 3.85 4.23
H131 7PG I . -1.16 3.77 4.65
H132 7PG I . -1.00 2.87 3.35
H141 7PG I . 0.32 2.17 5.03
H142 7PG I . -0.92 1.83 5.97
H151 7PG I . 1.37 0.59 4.68
H152 7PG I . 0.59 -0.51 5.50
H161 7PG I . 0.13 -1.63 3.53
H162 7PG I . 1.69 -1.53 3.80
H171 7PG I . 2.95 -0.17 1.96
H172 7PG I . 2.45 -1.67 1.79
H173 7PG I . 2.06 -0.56 0.70
C10 VY8 J . -13.75 -24.28 8.29
C13 VY8 J . -13.44 -26.99 10.68
C15 VY8 J . -12.51 -26.25 6.68
C17 VY8 J . -13.58 -24.11 6.92
C11 VY8 J . -13.28 -25.49 8.85
C14 VY8 J . -12.66 -26.45 8.05
C16 VY8 J . -12.98 -25.07 6.12
C02 VY8 J . -15.74 -23.15 9.27
C04 VY8 J . -18.07 -24.01 8.71
C05 VY8 J . -18.72 -23.36 7.45
C07 VY8 J . -17.85 -21.51 6.04
C08 VY8 J . -19.50 -20.99 7.73
N03 VY8 J . -16.58 -24.05 8.60
N06 VY8 J . -18.34 -21.90 7.40
N09 VY8 J . -14.37 -23.28 9.10
O12 VY8 J . -13.42 -25.67 10.21
S01 VY8 J . -16.42 -21.96 10.22
H133 VY8 J . -12.51 -27.20 10.86
H131 VY8 J . -14.00 -26.97 11.47
H132 VY8 J . -13.81 -27.51 9.95
H151 VY8 J . -12.11 -26.89 6.14
H171 VY8 J . -13.89 -23.33 6.51
H141 VY8 J . -12.33 -27.24 8.42
H161 VY8 J . -12.90 -24.90 5.21
H041 VY8 J . -18.41 -24.92 8.84
H042 VY8 J . -18.32 -23.54 9.52
H052 VY8 J . -18.45 -23.84 6.66
H051 VY8 J . -19.68 -23.47 7.48
H071 VY8 J . -18.47 -21.65 5.31
H073 VY8 J . -17.06 -21.97 5.72
H072 VY8 J . -17.61 -20.58 5.93
H083 VY8 J . -20.22 -20.99 7.09
H081 VY8 J . -19.29 -20.05 7.82
H082 VY8 J . -19.96 -21.17 8.56
H031 VY8 J . -16.26 -24.68 8.10
H091 VY8 J . -13.82 -22.74 9.49
C5 PG0 K . -11.28 -4.69 31.68
O2 PG0 K . -12.31 -5.19 30.91
C4 PG0 K . -13.09 -6.22 31.42
C3 PG0 K . -14.37 -6.29 30.66
O1 PG0 K . -15.26 -7.05 31.38
C2 PG0 K . -16.44 -6.47 31.78
C1 PG0 K . -17.03 -7.29 32.88
OTT PG0 K . -17.43 -6.47 33.91
H51 PG0 K . -10.81 -3.99 31.19
H52 PG0 K . -11.64 -4.32 32.51
H53 PG0 K . -10.66 -5.40 31.90
H41 PG0 K . -12.61 -7.05 31.34
H42 PG0 K . -13.28 -6.03 32.35
H31 PG0 K . -14.21 -6.70 29.79
H32 PG0 K . -14.72 -5.40 30.53
H21 PG0 K . -16.28 -5.57 32.11
H22 PG0 K . -17.07 -6.44 31.04
H11 PG0 K . -16.36 -7.91 33.22
H12 PG0 K . -17.79 -7.79 32.55
HTT PG0 K . -16.79 -6.42 34.51
C5 PG0 L . -2.65 -41.76 36.90
O2 PG0 L . -3.44 -42.26 37.91
C4 PG0 L . -4.78 -42.51 37.72
C3 PG0 L . -5.09 -43.74 38.48
O1 PG0 L . -6.34 -43.66 39.08
C2 PG0 L . -6.40 -43.90 40.44
C1 PG0 L . -7.78 -44.30 40.83
OTT PG0 L . -7.92 -44.18 42.20
H51 PG0 L . -1.78 -41.55 37.25
H52 PG0 L . -2.57 -42.43 36.21
H53 PG0 L . -3.06 -40.96 36.53
H41 PG0 L . -5.31 -41.76 38.04
H42 PG0 L . -4.97 -42.64 36.77
H31 PG0 L . -4.42 -43.86 39.17
H32 PG0 L . -5.09 -44.50 37.88
H21 PG0 L . -5.78 -44.60 40.67
H22 PG0 L . -6.16 -43.08 40.91
H11 PG0 L . -7.94 -45.22 40.56
H12 PG0 L . -8.43 -43.73 40.38
HTT PG0 L . -8.73 -43.85 42.38
C5 PG0 M . 1.64 -6.08 -7.12
O2 PG0 M . 0.26 -6.06 -7.11
C4 PG0 M . -0.38 -5.27 -6.17
C3 PG0 M . -1.52 -6.06 -5.62
O1 PG0 M . -1.71 -5.72 -4.30
C2 PG0 M . -1.49 -6.68 -3.32
C1 PG0 M . -2.76 -6.96 -2.61
OTT PG0 M . -2.70 -8.24 -2.09
H51 PG0 M . 1.98 -5.20 -7.29
H52 PG0 M . 1.96 -6.39 -6.25
H53 PG0 M . 1.95 -6.69 -7.81
H41 PG0 M . 0.24 -5.04 -5.46
H42 PG0 M . -0.71 -4.46 -6.59
H31 PG0 M . -1.32 -7.01 -5.70
H32 PG0 M . -2.33 -5.86 -6.13
H21 PG0 M . -1.17 -7.49 -3.74
H22 PG0 M . -0.82 -6.36 -2.69
H11 PG0 M . -3.51 -6.91 -3.22
H12 PG0 M . -2.88 -6.32 -1.89
HTT PG0 M . -2.98 -8.83 -2.70
O1 MXE N . -4.21 -17.98 -5.86
C1 MXE N . -4.90 -19.21 -6.05
C2 MXE N . -5.06 -19.35 -7.57
O2 MXE N . -4.61 -20.68 -7.86
C3 MXE N . -4.44 -20.87 -9.27
HO1 MXE N . -4.53 -17.67 -5.13
H11 MXE N . -4.38 -19.93 -5.66
H12 MXE N . -5.75 -19.18 -5.59
H21 MXE N . -4.53 -18.71 -8.07
H22 MXE N . -5.99 -19.24 -7.86
H31 MXE N . -5.28 -20.84 -9.77
H32 MXE N . -3.87 -20.21 -9.69
H33 MXE N . -4.05 -21.73 -9.50
O1 MXE O . 6.67 -39.10 21.42
C1 MXE O . 7.12 -40.43 21.63
C2 MXE O . 8.63 -40.32 21.98
O2 MXE O . 9.30 -40.67 20.77
C3 MXE O . 10.70 -40.35 20.82
HO1 MXE O . 5.86 -39.18 21.16
H11 MXE O . 6.62 -40.84 22.35
H12 MXE O . 6.97 -40.96 20.83
H21 MXE O . 8.89 -40.92 22.69
H22 MXE O . 8.87 -39.41 22.25
H31 MXE O . 10.88 -39.40 20.77
H32 MXE O . 11.13 -40.65 21.64
H33 MXE O . 11.22 -40.74 20.10
O1 MXE P . 12.32 -25.87 27.28
C1 MXE P . 11.92 -27.06 27.95
C2 MXE P . 11.61 -28.08 26.83
O2 MXE P . 11.50 -29.33 27.51
C3 MXE P . 11.53 -30.42 26.59
HO1 MXE P . 12.87 -25.50 27.82
H11 MXE P . 12.64 -27.36 28.53
H12 MXE P . 11.14 -26.87 28.50
H21 MXE P . 12.33 -28.12 26.18
H22 MXE P . 10.79 -27.86 26.36
H31 MXE P . 10.75 -30.46 26.00
H32 MXE P . 12.29 -30.41 26.00
H33 MXE P . 11.55 -31.28 27.02
#